data_9EFE
#
_entry.id   9EFE
#
_cell.length_a   86.896
_cell.length_b   165.538
_cell.length_c   47.638
_cell.angle_alpha   90.000
_cell.angle_beta   90.000
_cell.angle_gamma   90.000
#
_symmetry.space_group_name_H-M   'P 1 21 1'
#
loop_
_entity.id
_entity.type
_entity.pdbx_description
1 polymer 'Plasmid pARN4'
2 non-polymer DI(HYDROXYETHYL)ETHER
3 non-polymer 1,2-ETHANEDIOL
4 water water
#
_entity_poly.entity_id   1
_entity_poly.type   'polypeptide(L)'
_entity_poly.pdbx_seq_one_letter_code
;HMIVMRVKVNEKQFDMIIDKLKLMVYEYNTKIKEYGVYLKPYHIVYKNSKRYIYIGKYWYKLEKIGGKLKWIYLGKTKPI
QNMPNPPQIPESTIIKEDNEYIVDEKILYDLE
;
_entity_poly.pdbx_strand_id   A,C,D,B,E,F,G,H
#
# COMPACT_ATOMS: atom_id res chain seq x y z
N VAL A 4 33.78 -2.36 4.39
CA VAL A 4 33.24 -1.16 3.76
C VAL A 4 33.38 -1.28 2.24
N MET A 5 33.56 -2.51 1.75
CA MET A 5 33.88 -2.71 0.34
C MET A 5 32.78 -2.19 -0.58
N ARG A 6 31.54 -2.63 -0.37
CA ARG A 6 30.45 -2.31 -1.26
C ARG A 6 29.46 -1.35 -0.59
N VAL A 7 29.17 -0.24 -1.27
CA VAL A 7 28.32 0.82 -0.74
C VAL A 7 27.29 1.21 -1.80
N LYS A 8 26.37 2.08 -1.40
CA LYS A 8 25.29 2.56 -2.25
C LYS A 8 25.53 4.02 -2.62
N VAL A 9 25.49 4.31 -3.93
CA VAL A 9 25.54 5.68 -4.42
C VAL A 9 24.33 5.91 -5.30
N ASN A 10 23.91 7.16 -5.42
CA ASN A 10 22.77 7.48 -6.26
C ASN A 10 23.26 7.82 -7.68
N GLU A 11 22.36 8.37 -8.50
CA GLU A 11 22.59 8.44 -9.94
C GLU A 11 23.77 9.32 -10.30
N LYS A 12 23.91 10.48 -9.65
CA LYS A 12 24.92 11.46 -10.05
C LYS A 12 26.33 10.91 -9.88
N GLN A 13 26.60 10.27 -8.76
CA GLN A 13 27.91 9.66 -8.52
C GLN A 13 28.14 8.46 -9.44
N PHE A 14 27.06 7.76 -9.81
CA PHE A 14 27.17 6.70 -10.80
C PHE A 14 27.60 7.25 -12.15
N ASP A 15 27.01 8.38 -12.56
CA ASP A 15 27.42 9.02 -13.80
C ASP A 15 28.85 9.55 -13.72
N MET A 16 29.32 9.88 -12.51
CA MET A 16 30.71 10.28 -12.34
C MET A 16 31.65 9.15 -12.75
N ILE A 17 31.41 7.94 -12.27
CA ILE A 17 32.29 6.81 -12.54
C ILE A 17 32.28 6.47 -14.03
N ILE A 18 31.10 6.52 -14.66
CA ILE A 18 30.98 6.22 -16.08
C ILE A 18 31.83 7.18 -16.91
N ASP A 19 31.77 8.47 -16.59
CA ASP A 19 32.45 9.47 -17.39
C ASP A 19 33.97 9.38 -17.25
N LYS A 20 34.47 9.08 -16.04
CA LYS A 20 35.90 8.94 -15.84
C LYS A 20 36.47 7.79 -16.67
N LEU A 21 35.74 6.69 -16.77
CA LEU A 21 36.16 5.58 -17.62
C LEU A 21 36.14 5.96 -19.10
N LYS A 22 35.08 6.68 -19.52
CA LYS A 22 35.00 7.11 -20.92
C LYS A 22 36.12 8.09 -21.25
N LEU A 23 36.47 8.96 -20.30
CA LEU A 23 37.60 9.87 -20.52
C LEU A 23 38.93 9.13 -20.51
N MET A 24 39.03 8.05 -19.73
CA MET A 24 40.28 7.30 -19.65
C MET A 24 40.62 6.62 -20.97
N VAL A 25 39.63 6.34 -21.81
CA VAL A 25 39.83 5.64 -23.07
C VAL A 25 39.64 6.55 -24.28
N TYR A 26 39.25 7.81 -24.07
CA TYR A 26 38.91 8.68 -25.20
C TYR A 26 40.11 8.91 -26.11
N GLU A 27 41.25 9.29 -25.51
CA GLU A 27 42.43 9.55 -26.34
C GLU A 27 43.06 8.27 -26.86
N TYR A 28 42.97 7.18 -26.09
CA TYR A 28 43.41 5.89 -26.61
C TYR A 28 42.56 5.45 -27.78
N ASN A 29 41.24 5.69 -27.71
CA ASN A 29 40.35 5.27 -28.79
C ASN A 29 40.61 6.08 -30.07
N THR A 30 40.95 7.36 -29.93
CA THR A 30 41.31 8.16 -31.09
C THR A 30 42.56 7.62 -31.76
N LYS A 31 43.52 7.15 -30.96
CA LYS A 31 44.75 6.59 -31.51
C LYS A 31 44.48 5.30 -32.28
N ILE A 32 43.58 4.46 -31.77
CA ILE A 32 43.32 3.16 -32.38
C ILE A 32 42.09 3.21 -33.30
N LYS A 33 41.64 4.40 -33.68
CA LYS A 33 40.51 4.54 -34.58
C LYS A 33 40.82 3.94 -35.95
N GLU A 34 42.07 4.09 -36.41
CA GLU A 34 42.44 3.60 -37.73
C GLU A 34 42.36 2.08 -37.83
N TYR A 35 42.52 1.37 -36.71
CA TYR A 35 42.43 -0.09 -36.71
C TYR A 35 41.00 -0.58 -36.87
N GLY A 36 40.00 0.29 -36.77
CA GLY A 36 38.63 -0.16 -36.72
C GLY A 36 38.28 -0.87 -35.44
N VAL A 37 38.98 -0.57 -34.36
CA VAL A 37 38.83 -1.24 -33.07
C VAL A 37 38.43 -0.19 -32.04
N TYR A 38 37.43 -0.52 -31.22
CA TYR A 38 36.97 0.35 -30.13
C TYR A 38 37.12 -0.41 -28.83
N LEU A 39 37.69 0.25 -27.82
CA LEU A 39 37.73 -0.27 -26.46
C LEU A 39 36.66 0.44 -25.66
N LYS A 40 35.55 -0.24 -25.42
CA LYS A 40 34.52 0.30 -24.53
C LYS A 40 34.86 -0.13 -23.10
N PRO A 41 35.05 0.82 -22.18
CA PRO A 41 35.59 0.48 -20.85
C PRO A 41 34.57 -0.12 -19.87
N TYR A 42 33.40 -0.51 -20.37
CA TYR A 42 32.39 -1.09 -19.50
C TYR A 42 31.46 -1.96 -20.33
N HIS A 43 30.63 -2.73 -19.64
CA HIS A 43 29.69 -3.62 -20.32
C HIS A 43 28.43 -3.72 -19.48
N ILE A 44 27.29 -3.41 -20.09
CA ILE A 44 26.01 -3.39 -19.39
C ILE A 44 25.25 -4.67 -19.75
N VAL A 45 24.88 -5.44 -18.73
CA VAL A 45 24.15 -6.69 -18.91
C VAL A 45 22.83 -6.58 -18.16
N TYR A 46 21.73 -6.81 -18.86
CA TYR A 46 20.39 -6.82 -18.26
C TYR A 46 19.97 -8.24 -17.90
N LYS A 47 20.78 -8.89 -17.08
CA LYS A 47 20.51 -10.26 -16.66
C LYS A 47 19.90 -10.26 -15.26
N ASN A 48 18.98 -11.18 -15.02
CA ASN A 48 18.18 -11.26 -13.79
C ASN A 48 17.45 -9.94 -13.53
N SER A 49 16.81 -9.42 -14.58
CA SER A 49 15.91 -8.25 -14.52
C SER A 49 16.56 -7.03 -13.86
N LYS A 50 17.89 -6.97 -13.88
CA LYS A 50 18.64 -5.93 -13.19
C LYS A 50 19.76 -5.44 -14.08
N ARG A 51 20.09 -4.16 -13.95
CA ARG A 51 21.15 -3.55 -14.75
C ARG A 51 22.50 -3.87 -14.12
N TYR A 52 23.19 -4.86 -14.68
CA TYR A 52 24.56 -5.14 -14.31
C TYR A 52 25.48 -4.29 -15.17
N ILE A 53 26.40 -3.57 -14.53
CA ILE A 53 27.43 -2.81 -15.23
C ILE A 53 28.77 -3.36 -14.78
N TYR A 54 29.51 -3.96 -15.71
CA TYR A 54 30.76 -4.62 -15.41
C TYR A 54 31.92 -3.72 -15.82
N ILE A 55 32.84 -3.50 -14.89
CA ILE A 55 33.99 -2.64 -15.14
C ILE A 55 35.14 -3.52 -15.64
N GLY A 56 35.71 -3.16 -16.76
CA GLY A 56 36.76 -3.94 -17.37
C GLY A 56 36.93 -3.56 -18.83
N LYS A 57 37.84 -4.27 -19.49
CA LYS A 57 38.15 -4.01 -20.89
C LYS A 57 37.21 -4.79 -21.80
N TYR A 58 36.60 -4.08 -22.76
CA TYR A 58 35.67 -4.71 -23.70
C TYR A 58 35.94 -4.15 -25.09
N TRP A 59 36.53 -4.98 -25.95
CA TRP A 59 36.96 -4.55 -27.27
C TRP A 59 35.89 -4.85 -28.31
N TYR A 60 35.71 -3.92 -29.23
CA TYR A 60 34.74 -4.05 -30.31
C TYR A 60 35.40 -3.66 -31.63
N LYS A 61 34.76 -4.03 -32.73
CA LYS A 61 35.32 -3.75 -34.04
C LYS A 61 34.21 -3.44 -35.04
N LEU A 62 34.59 -2.76 -36.10
CA LEU A 62 33.67 -2.16 -37.06
C LEU A 62 33.70 -2.93 -38.38
N GLU A 63 32.53 -3.37 -38.84
CA GLU A 63 32.45 -3.98 -40.16
C GLU A 63 31.09 -3.69 -40.79
N LYS A 64 31.04 -3.82 -42.10
CA LYS A 64 29.85 -3.50 -42.90
C LYS A 64 28.98 -4.74 -43.00
N ILE A 65 27.89 -4.75 -42.24
CA ILE A 65 26.92 -5.83 -42.25
C ILE A 65 25.64 -5.27 -42.87
N GLY A 66 25.40 -5.59 -44.13
CA GLY A 66 24.25 -5.05 -44.84
C GLY A 66 24.28 -3.56 -45.07
N GLY A 67 25.42 -2.90 -44.87
CA GLY A 67 25.53 -1.47 -45.08
C GLY A 67 25.27 -0.61 -43.86
N LYS A 68 25.07 -1.22 -42.68
CA LYS A 68 24.71 -0.47 -41.50
C LYS A 68 25.88 -0.24 -40.54
N LEU A 69 27.03 -0.89 -40.77
CA LEU A 69 28.27 -0.66 -40.03
C LEU A 69 28.08 -0.94 -38.53
N LYS A 70 27.84 -2.22 -38.22
CA LYS A 70 27.53 -2.63 -36.87
C LYS A 70 28.79 -3.00 -36.08
N TRP A 71 28.74 -2.71 -34.78
CA TRP A 71 29.85 -3.04 -33.88
C TRP A 71 29.78 -4.51 -33.48
N ILE A 72 30.92 -5.20 -33.53
CA ILE A 72 31.00 -6.62 -33.19
C ILE A 72 31.95 -6.78 -32.01
N TYR A 73 31.48 -7.50 -30.98
CA TYR A 73 32.30 -7.72 -29.79
C TYR A 73 33.47 -8.65 -30.12
N LEU A 74 34.65 -8.27 -29.63
CA LEU A 74 35.87 -9.04 -29.87
C LEU A 74 36.28 -9.87 -28.66
N GLY A 75 36.37 -9.25 -27.50
CA GLY A 75 36.84 -9.93 -26.30
C GLY A 75 37.29 -8.90 -25.27
N LYS A 76 38.04 -9.38 -24.29
CA LYS A 76 38.51 -8.58 -23.17
C LYS A 76 39.99 -8.24 -23.29
N THR A 77 40.64 -8.61 -24.39
CA THR A 77 42.07 -8.42 -24.55
C THR A 77 42.36 -7.74 -25.88
N LYS A 78 43.60 -7.23 -26.01
CA LYS A 78 44.09 -6.55 -27.20
C LYS A 78 44.03 -7.50 -28.41
N PRO A 79 43.18 -7.20 -29.39
CA PRO A 79 43.05 -8.11 -30.55
C PRO A 79 44.32 -8.25 -31.38
N ILE A 80 45.12 -7.19 -31.48
CA ILE A 80 46.28 -7.17 -32.38
C ILE A 80 47.52 -6.84 -31.55
N GLN A 81 48.59 -7.58 -31.79
CA GLN A 81 49.81 -7.45 -30.99
C GLN A 81 50.45 -6.07 -31.15
N ASN A 82 50.49 -5.54 -32.38
CA ASN A 82 51.23 -4.31 -32.65
C ASN A 82 50.36 -3.06 -32.52
N MET A 83 49.36 -3.10 -31.71
CA MET A 83 48.65 -1.89 -31.37
C MET A 83 49.20 -1.30 -30.07
N PRO A 84 49.13 0.02 -29.88
CA PRO A 84 49.59 0.60 -28.61
C PRO A 84 48.82 0.05 -27.42
N ASN A 85 49.53 -0.07 -26.30
CA ASN A 85 48.93 -0.69 -25.12
C ASN A 85 47.81 0.20 -24.56
N PRO A 86 46.74 -0.40 -24.04
CA PRO A 86 45.61 0.40 -23.56
C PRO A 86 45.87 0.94 -22.16
N PRO A 87 45.09 1.91 -21.70
CA PRO A 87 45.14 2.29 -20.29
C PRO A 87 44.64 1.15 -19.41
N GLN A 88 45.08 1.17 -18.17
CA GLN A 88 44.73 0.13 -17.20
C GLN A 88 43.33 0.39 -16.69
N ILE A 89 42.39 -0.40 -17.19
CA ILE A 89 40.99 -0.34 -16.79
C ILE A 89 40.80 -1.35 -15.67
N PRO A 90 40.33 -0.94 -14.48
CA PRO A 90 40.15 -1.90 -13.38
C PRO A 90 39.03 -2.87 -13.69
N GLU A 91 38.88 -3.85 -12.80
CA GLU A 91 37.84 -4.87 -12.90
C GLU A 91 36.94 -4.76 -11.68
N SER A 92 35.64 -4.56 -11.93
CA SER A 92 34.68 -4.41 -10.84
C SER A 92 33.28 -4.58 -11.40
N THR A 93 32.31 -4.71 -10.49
CA THR A 93 30.91 -4.91 -10.83
C THR A 93 30.05 -3.89 -10.10
N ILE A 94 29.14 -3.25 -10.83
CA ILE A 94 28.18 -2.32 -10.28
C ILE A 94 26.78 -2.85 -10.55
N ILE A 95 25.97 -2.93 -9.50
CA ILE A 95 24.59 -3.43 -9.59
C ILE A 95 23.65 -2.25 -9.40
N LYS A 96 22.81 -1.98 -10.40
CA LYS A 96 21.77 -0.98 -10.26
C LYS A 96 20.63 -1.54 -9.44
N GLU A 97 20.26 -0.83 -8.38
CA GLU A 97 19.17 -1.27 -7.53
C GLU A 97 17.84 -1.19 -8.28
N ASP A 98 16.89 -2.01 -7.84
CA ASP A 98 15.56 -2.00 -8.45
C ASP A 98 14.93 -0.62 -8.31
N ASN A 99 14.28 -0.17 -9.38
CA ASN A 99 13.61 1.13 -9.36
C ASN A 99 12.52 1.15 -8.31
N GLU A 100 12.44 2.25 -7.57
CA GLU A 100 11.49 2.39 -6.48
C GLU A 100 10.60 3.60 -6.73
N TYR A 101 9.38 3.54 -6.21
CA TYR A 101 8.39 4.57 -6.44
C TYR A 101 7.61 4.82 -5.16
N ILE A 102 7.29 6.07 -4.88
CA ILE A 102 6.37 6.43 -3.81
C ILE A 102 4.98 6.54 -4.40
N VAL A 103 4.05 5.73 -3.89
CA VAL A 103 2.69 5.63 -4.42
C VAL A 103 1.70 5.76 -3.28
N ASP A 104 0.54 6.36 -3.59
CA ASP A 104 -0.58 6.38 -2.66
C ASP A 104 -1.02 4.94 -2.37
N GLU A 105 -1.29 4.66 -1.09
CA GLU A 105 -1.72 3.33 -0.71
C GLU A 105 -3.15 3.05 -1.16
N LYS A 106 -3.96 4.09 -1.34
CA LYS A 106 -5.35 3.89 -1.74
C LYS A 106 -5.43 3.26 -3.12
N ILE A 107 -4.72 3.82 -4.10
CA ILE A 107 -4.73 3.25 -5.43
C ILE A 107 -4.02 1.90 -5.47
N LEU A 108 -3.19 1.60 -4.48
CA LEU A 108 -2.63 0.26 -4.39
C LEU A 108 -3.72 -0.75 -4.03
N TYR A 109 -4.54 -0.44 -3.02
CA TYR A 109 -5.65 -1.32 -2.67
C TYR A 109 -6.75 -1.26 -3.73
N ASP A 110 -7.06 -0.06 -4.23
CA ASP A 110 -8.18 0.10 -5.16
C ASP A 110 -7.87 -0.40 -6.57
N LEU A 111 -6.62 -0.76 -6.86
CA LEU A 111 -6.26 -1.37 -8.14
C LEU A 111 -5.87 -2.83 -7.97
N GLU A 112 -6.52 -3.52 -7.03
CA GLU A 112 -6.25 -4.92 -6.66
C GLU A 112 -4.77 -5.15 -6.35
N MET B 2 -8.17 13.57 6.04
CA MET B 2 -7.85 12.17 5.80
C MET B 2 -6.35 11.92 5.90
N ILE B 3 -5.99 10.78 6.49
CA ILE B 3 -4.60 10.34 6.52
C ILE B 3 -4.38 9.48 5.28
N VAL B 4 -3.72 10.03 4.28
CA VAL B 4 -3.45 9.33 3.04
C VAL B 4 -2.02 8.79 3.09
N MET B 5 -1.85 7.54 2.69
CA MET B 5 -0.59 6.84 2.89
C MET B 5 0.21 6.81 1.60
N ARG B 6 1.47 7.22 1.70
CA ARG B 6 2.41 7.14 0.58
C ARG B 6 3.49 6.12 0.95
N VAL B 7 3.58 5.06 0.17
CA VAL B 7 4.43 3.92 0.47
C VAL B 7 5.40 3.71 -0.69
N LYS B 8 6.39 2.85 -0.45
CA LYS B 8 7.43 2.57 -1.44
C LYS B 8 7.19 1.21 -2.09
N VAL B 9 7.18 1.20 -3.42
CA VAL B 9 7.00 -0.03 -4.20
C VAL B 9 8.12 -0.10 -5.24
N ASN B 10 8.31 -1.30 -5.78
CA ASN B 10 9.40 -1.53 -6.72
C ASN B 10 8.90 -1.35 -8.16
N GLU B 11 9.77 -1.66 -9.12
CA GLU B 11 9.41 -1.55 -10.54
C GLU B 11 8.29 -2.51 -10.92
N LYS B 12 8.37 -3.76 -10.44
CA LYS B 12 7.38 -4.76 -10.80
C LYS B 12 5.99 -4.38 -10.27
N GLN B 13 5.93 -3.94 -9.01
CA GLN B 13 4.67 -3.48 -8.45
C GLN B 13 4.16 -2.24 -9.18
N PHE B 14 5.08 -1.35 -9.58
CA PHE B 14 4.71 -0.18 -10.38
C PHE B 14 4.19 -0.61 -11.74
N ASP B 15 4.79 -1.66 -12.33
CA ASP B 15 4.36 -2.13 -13.64
C ASP B 15 2.94 -2.64 -13.62
N MET B 16 2.54 -3.36 -12.57
CA MET B 16 1.17 -3.86 -12.48
C MET B 16 0.19 -2.70 -12.33
N ILE B 17 0.59 -1.64 -11.62
CA ILE B 17 -0.26 -0.46 -11.49
C ILE B 17 -0.53 0.15 -12.85
N ILE B 18 0.53 0.31 -13.66
CA ILE B 18 0.36 0.85 -15.01
C ILE B 18 -0.44 -0.10 -15.88
N ASP B 19 -0.18 -1.41 -15.77
CA ASP B 19 -0.89 -2.39 -16.59
C ASP B 19 -2.38 -2.42 -16.26
N LYS B 20 -2.72 -2.31 -14.97
CA LYS B 20 -4.12 -2.30 -14.57
C LYS B 20 -4.86 -1.10 -15.14
N LEU B 21 -4.21 0.08 -15.13
CA LEU B 21 -4.82 1.27 -15.70
C LEU B 21 -5.02 1.12 -17.21
N LYS B 22 -4.07 0.51 -17.90
CA LYS B 22 -4.22 0.24 -19.33
C LYS B 22 -5.37 -0.72 -19.58
N LEU B 23 -5.55 -1.71 -18.70
CA LEU B 23 -6.67 -2.64 -18.82
C LEU B 23 -8.00 -1.92 -18.65
N MET B 24 -8.08 -0.98 -17.71
CA MET B 24 -9.34 -0.33 -17.40
C MET B 24 -9.81 0.61 -18.51
N VAL B 25 -8.91 1.06 -19.39
CA VAL B 25 -9.28 1.97 -20.47
C VAL B 25 -9.28 1.29 -21.82
N TYR B 26 -8.90 0.01 -21.90
CA TYR B 26 -9.03 -0.73 -23.14
C TYR B 26 -10.50 -0.89 -23.54
N GLU B 27 -11.40 -0.95 -22.55
CA GLU B 27 -12.83 -1.02 -22.82
C GLU B 27 -13.35 0.27 -23.45
N TYR B 28 -12.69 1.40 -23.21
CA TYR B 28 -13.19 2.69 -23.67
C TYR B 28 -12.62 3.10 -25.03
N ASN B 29 -11.34 2.83 -25.27
CA ASN B 29 -10.64 3.47 -26.39
C ASN B 29 -11.05 2.88 -27.74
N THR B 30 -11.22 1.56 -27.81
CA THR B 30 -11.67 0.96 -29.07
C THR B 30 -13.10 1.36 -29.39
N LYS B 31 -13.92 1.57 -28.36
CA LYS B 31 -15.29 2.03 -28.58
C LYS B 31 -15.31 3.44 -29.17
N ILE B 32 -14.47 4.33 -28.65
CA ILE B 32 -14.43 5.71 -29.10
C ILE B 32 -13.32 5.96 -30.11
N LYS B 33 -12.76 4.90 -30.71
CA LYS B 33 -11.72 5.07 -31.71
C LYS B 33 -12.24 5.77 -32.96
N GLU B 34 -13.55 5.73 -33.21
CA GLU B 34 -14.12 6.42 -34.36
C GLU B 34 -14.16 7.93 -34.17
N TYR B 35 -14.04 8.41 -32.93
CA TYR B 35 -14.08 9.85 -32.66
C TYR B 35 -12.73 10.52 -32.82
N GLY B 36 -11.67 9.75 -33.08
CA GLY B 36 -10.34 10.32 -33.15
C GLY B 36 -9.77 10.77 -31.83
N VAL B 37 -10.26 10.20 -30.72
CA VAL B 37 -9.86 10.59 -29.38
C VAL B 37 -9.34 9.37 -28.65
N TYR B 38 -8.31 9.57 -27.83
CA TYR B 38 -7.68 8.50 -27.05
C TYR B 38 -7.57 8.94 -25.59
N LEU B 39 -7.85 8.02 -24.67
CA LEU B 39 -7.79 8.28 -23.25
C LEU B 39 -6.62 7.53 -22.64
N LYS B 40 -5.60 8.27 -22.21
CA LYS B 40 -4.47 7.68 -21.50
C LYS B 40 -4.65 7.86 -20.00
N PRO B 41 -4.57 6.79 -19.21
CA PRO B 41 -4.86 6.90 -17.78
C PRO B 41 -3.72 7.44 -16.95
N TYR B 42 -2.62 7.87 -17.56
CA TYR B 42 -1.47 8.37 -16.82
C TYR B 42 -0.70 9.37 -17.68
N HIS B 43 0.26 10.04 -17.04
CA HIS B 43 1.08 11.03 -17.72
C HIS B 43 2.45 11.07 -17.06
N ILE B 44 3.50 10.89 -17.87
CA ILE B 44 4.88 10.87 -17.39
C ILE B 44 5.53 12.21 -17.72
N VAL B 45 6.09 12.88 -16.71
CA VAL B 45 6.74 14.16 -16.88
C VAL B 45 7.97 14.20 -15.97
N TYR B 46 9.07 14.75 -16.48
CA TYR B 46 10.33 14.85 -15.74
C TYR B 46 10.44 16.27 -15.17
N LYS B 47 10.11 16.42 -13.88
CA LYS B 47 10.37 17.64 -13.14
C LYS B 47 11.32 17.39 -11.99
N ASN B 48 12.07 18.43 -11.62
CA ASN B 48 12.86 18.47 -10.39
C ASN B 48 13.83 17.29 -10.30
N SER B 49 14.40 16.92 -11.45
CA SER B 49 15.34 15.79 -11.58
C SER B 49 14.70 14.47 -11.14
N LYS B 50 13.37 14.36 -11.27
CA LYS B 50 12.64 13.17 -10.87
C LYS B 50 11.61 12.83 -11.93
N ARG B 51 11.35 11.53 -12.08
CA ARG B 51 10.32 11.07 -13.01
C ARG B 51 8.97 11.11 -12.31
N TYR B 52 8.10 12.03 -12.72
CA TYR B 52 6.76 12.13 -12.17
C TYR B 52 5.79 11.36 -13.05
N ILE B 53 4.98 10.51 -12.43
CA ILE B 53 3.97 9.73 -13.13
C ILE B 53 2.62 10.10 -12.53
N TYR B 54 1.92 11.00 -13.19
CA TYR B 54 0.59 11.41 -12.74
C TYR B 54 -0.46 10.41 -13.23
N ILE B 55 -1.49 10.21 -12.41
CA ILE B 55 -2.59 9.30 -12.72
C ILE B 55 -3.87 10.11 -12.85
N GLY B 56 -4.61 9.87 -13.92
CA GLY B 56 -5.85 10.61 -14.14
C GLY B 56 -6.39 10.33 -15.54
N LYS B 57 -7.12 11.31 -16.05
CA LYS B 57 -7.69 11.23 -17.40
C LYS B 57 -6.93 12.21 -18.29
N TYR B 58 -6.22 11.68 -19.27
CA TYR B 58 -5.42 12.48 -20.20
C TYR B 58 -5.83 12.12 -21.61
N TRP B 59 -6.24 13.12 -22.39
CA TRP B 59 -6.90 12.92 -23.66
C TRP B 59 -5.96 13.26 -24.82
N TYR B 60 -6.24 12.64 -25.96
CA TYR B 60 -5.44 12.85 -27.16
C TYR B 60 -6.36 12.99 -28.36
N LYS B 61 -5.86 13.66 -29.40
CA LYS B 61 -6.60 13.88 -30.63
C LYS B 61 -5.74 13.51 -31.83
N LEU B 62 -6.34 12.85 -32.82
CA LEU B 62 -5.62 12.40 -34.00
C LEU B 62 -5.03 13.57 -34.77
N GLU B 63 -3.75 13.45 -35.14
CA GLU B 63 -3.06 14.52 -35.84
C GLU B 63 -3.52 14.59 -37.30
N LYS B 64 -3.16 15.69 -37.96
CA LYS B 64 -3.47 15.86 -39.37
C LYS B 64 -2.25 15.59 -40.26
N ILE B 65 -1.18 16.38 -40.10
CA ILE B 65 0.04 16.29 -40.88
C ILE B 65 1.17 16.73 -39.96
N GLY B 66 2.40 16.32 -40.27
CA GLY B 66 3.55 16.76 -39.51
C GLY B 66 4.73 17.14 -40.37
N GLY B 67 5.94 16.90 -39.87
CA GLY B 67 7.15 17.20 -40.61
C GLY B 67 8.39 16.65 -39.94
N TRP B 71 -1.47 11.96 -33.01
CA TRP B 71 -1.97 11.99 -31.64
C TRP B 71 -1.40 13.19 -30.88
N ILE B 72 -2.24 14.19 -30.66
CA ILE B 72 -1.84 15.42 -29.97
C ILE B 72 -2.50 15.45 -28.60
N TYR B 73 -1.77 15.93 -27.61
CA TYR B 73 -2.23 15.94 -26.22
C TYR B 73 -3.20 17.10 -26.02
N LEU B 74 -4.42 16.77 -25.55
CA LEU B 74 -5.45 17.78 -25.35
C LEU B 74 -5.59 18.22 -23.89
N GLY B 75 -4.85 17.62 -22.97
CA GLY B 75 -4.88 18.01 -21.58
C GLY B 75 -5.73 17.07 -20.74
N LYS B 76 -6.57 17.64 -19.88
CA LYS B 76 -7.36 16.86 -18.93
C LYS B 76 -8.86 17.00 -19.10
N THR B 77 -9.33 17.83 -20.02
CA THR B 77 -10.75 18.03 -20.25
C THR B 77 -11.20 17.20 -21.45
N LYS B 78 -12.37 16.56 -21.31
CA LYS B 78 -12.88 15.68 -22.37
C LYS B 78 -13.26 16.51 -23.59
N PRO B 79 -12.81 16.12 -24.79
CA PRO B 79 -13.04 16.94 -25.99
C PRO B 79 -14.50 17.03 -26.43
N ILE B 80 -15.15 15.89 -26.65
CA ILE B 80 -16.41 15.82 -27.38
C ILE B 80 -17.54 15.57 -26.38
N GLN B 81 -18.62 16.35 -26.52
CA GLN B 81 -19.72 16.27 -25.57
C GLN B 81 -20.56 15.01 -25.79
N ASN B 82 -20.80 14.65 -27.06
CA ASN B 82 -21.67 13.52 -27.40
C ASN B 82 -20.92 12.21 -27.53
N MET B 83 -19.77 12.08 -26.86
CA MET B 83 -18.99 10.85 -26.73
C MET B 83 -19.47 10.09 -25.48
N PRO B 84 -19.45 8.76 -25.51
CA PRO B 84 -19.82 8.00 -24.31
C PRO B 84 -18.92 8.33 -23.14
N ASN B 85 -19.51 8.29 -21.94
CA ASN B 85 -18.79 8.69 -20.74
C ASN B 85 -17.64 7.72 -20.46
N PRO B 86 -16.47 8.23 -20.08
CA PRO B 86 -15.33 7.35 -19.84
C PRO B 86 -15.46 6.64 -18.50
N PRO B 87 -14.72 5.55 -18.30
CA PRO B 87 -14.71 4.91 -16.98
C PRO B 87 -14.00 5.77 -15.95
N GLN B 88 -14.35 5.53 -14.69
CA GLN B 88 -13.80 6.30 -13.58
C GLN B 88 -12.35 5.90 -13.34
N ILE B 89 -11.44 6.88 -13.42
CA ILE B 89 -10.02 6.68 -13.23
C ILE B 89 -9.60 7.44 -11.98
N PRO B 90 -8.90 6.81 -11.03
CA PRO B 90 -8.46 7.54 -9.84
C PRO B 90 -7.38 8.56 -10.17
N GLU B 91 -7.22 9.53 -9.26
CA GLU B 91 -6.24 10.60 -9.42
C GLU B 91 -5.19 10.49 -8.32
N SER B 92 -3.94 10.36 -8.73
CA SER B 92 -2.83 10.26 -7.78
C SER B 92 -1.54 10.62 -8.50
N THR B 93 -0.48 10.81 -7.72
CA THR B 93 0.84 11.14 -8.24
C THR B 93 1.85 10.12 -7.76
N ILE B 94 2.66 9.62 -8.69
CA ILE B 94 3.75 8.68 -8.37
C ILE B 94 5.06 9.38 -8.69
N ILE B 95 5.99 9.35 -7.75
CA ILE B 95 7.32 9.94 -7.91
C ILE B 95 8.33 8.81 -7.90
N LYS B 96 9.06 8.65 -9.00
CA LYS B 96 10.13 7.67 -9.06
C LYS B 96 11.29 8.11 -8.18
N GLU B 97 11.83 7.16 -7.41
CA GLU B 97 12.98 7.47 -6.57
C GLU B 97 14.23 7.64 -7.42
N ASP B 98 15.24 8.26 -6.81
CA ASP B 98 16.54 8.38 -7.45
C ASP B 98 17.18 7.00 -7.58
N ASN B 99 17.79 6.74 -8.73
CA ASN B 99 18.41 5.46 -8.99
C ASN B 99 19.57 5.23 -8.02
N GLU B 100 19.67 4.00 -7.50
CA GLU B 100 20.71 3.64 -6.57
C GLU B 100 21.54 2.50 -7.14
N TYR B 101 22.84 2.50 -6.82
CA TYR B 101 23.78 1.56 -7.43
C TYR B 101 24.66 0.94 -6.35
N ILE B 102 24.81 -0.38 -6.40
CA ILE B 102 25.72 -1.10 -5.53
C ILE B 102 27.11 -1.00 -6.13
N VAL B 103 28.03 -0.35 -5.40
CA VAL B 103 29.34 0.04 -5.93
C VAL B 103 30.43 -0.40 -4.97
N ASP B 104 31.51 -0.97 -5.51
CA ASP B 104 32.70 -1.23 -4.71
C ASP B 104 33.39 0.09 -4.37
N GLU B 105 33.94 0.17 -3.15
CA GLU B 105 34.59 1.40 -2.71
C GLU B 105 35.92 1.62 -3.38
N LYS B 106 36.56 0.57 -3.91
CA LYS B 106 37.89 0.72 -4.50
C LYS B 106 37.85 1.62 -5.72
N ILE B 107 36.85 1.42 -6.61
CA ILE B 107 36.79 2.20 -7.84
C ILE B 107 36.38 3.64 -7.60
N LEU B 108 36.05 4.01 -6.36
CA LEU B 108 35.88 5.42 -5.98
C LEU B 108 37.24 6.14 -5.84
N TYR B 109 38.34 5.48 -6.20
CA TYR B 109 39.66 6.08 -6.22
C TYR B 109 39.88 7.03 -7.40
N ASP B 110 38.83 7.33 -8.17
CA ASP B 110 38.88 8.31 -9.25
C ASP B 110 38.73 9.74 -8.75
N LEU B 111 38.78 9.95 -7.44
CA LEU B 111 38.66 11.27 -6.84
C LEU B 111 39.75 12.22 -7.33
N HIS C 1 11.80 -29.37 -13.83
CA HIS C 1 12.66 -30.53 -14.08
C HIS C 1 11.83 -31.79 -14.31
N MET C 2 12.15 -32.82 -13.51
CA MET C 2 11.48 -34.11 -13.68
C MET C 2 10.04 -34.07 -13.20
N ILE C 3 9.78 -33.36 -12.11
CA ILE C 3 8.44 -33.23 -11.56
C ILE C 3 7.92 -31.84 -11.92
N VAL C 4 6.92 -31.80 -12.78
CA VAL C 4 6.32 -30.54 -13.23
C VAL C 4 5.01 -30.34 -12.48
N MET C 5 4.86 -29.17 -11.87
CA MET C 5 3.71 -28.84 -11.05
C MET C 5 2.77 -27.92 -11.82
N ARG C 6 1.51 -28.32 -11.94
CA ARG C 6 0.48 -27.49 -12.54
C ARG C 6 -0.44 -26.97 -11.45
N VAL C 7 -0.61 -25.65 -11.39
CA VAL C 7 -1.34 -25.00 -10.31
C VAL C 7 -2.44 -24.13 -10.93
N LYS C 8 -3.36 -23.69 -10.06
CA LYS C 8 -4.53 -22.91 -10.46
C LYS C 8 -4.34 -21.47 -10.00
N VAL C 9 -4.43 -20.54 -10.95
CA VAL C 9 -4.26 -19.11 -10.68
C VAL C 9 -5.47 -18.37 -11.23
N ASN C 10 -5.71 -17.16 -10.70
CA ASN C 10 -6.89 -16.39 -11.06
C ASN C 10 -6.62 -15.53 -12.29
N GLU C 11 -7.61 -14.72 -12.67
CA GLU C 11 -7.49 -13.86 -13.84
C GLU C 11 -6.42 -12.79 -13.63
N LYS C 12 -6.34 -12.21 -12.43
CA LYS C 12 -5.35 -11.18 -12.17
C LYS C 12 -3.93 -11.75 -12.27
N GLN C 13 -3.70 -12.93 -11.70
CA GLN C 13 -2.39 -13.57 -11.83
C GLN C 13 -2.10 -13.95 -13.28
N PHE C 14 -3.13 -14.38 -14.02
CA PHE C 14 -2.96 -14.69 -15.42
C PHE C 14 -2.59 -13.46 -16.22
N ASP C 15 -3.18 -12.31 -15.89
CA ASP C 15 -2.94 -11.08 -16.64
C ASP C 15 -1.48 -10.63 -16.51
N MET C 16 -0.89 -10.78 -15.32
CA MET C 16 0.50 -10.38 -15.15
C MET C 16 1.45 -11.28 -15.92
N ILE C 17 1.11 -12.55 -16.09
CA ILE C 17 1.92 -13.45 -16.91
C ILE C 17 1.96 -12.94 -18.34
N ILE C 18 0.78 -12.60 -18.88
CA ILE C 18 0.70 -12.09 -20.25
C ILE C 18 1.49 -10.79 -20.36
N ASP C 19 1.28 -9.87 -19.42
CA ASP C 19 1.96 -8.58 -19.46
C ASP C 19 3.46 -8.72 -19.37
N LYS C 20 3.94 -9.65 -18.54
CA LYS C 20 5.37 -9.88 -18.43
C LYS C 20 5.95 -10.36 -19.76
N LEU C 21 5.26 -11.31 -20.41
CA LEU C 21 5.74 -11.81 -21.70
C LEU C 21 5.77 -10.72 -22.76
N LYS C 22 4.76 -9.85 -22.78
CA LYS C 22 4.77 -8.71 -23.70
C LYS C 22 5.93 -7.77 -23.40
N LEU C 23 6.24 -7.57 -22.13
CA LEU C 23 7.37 -6.72 -21.76
C LEU C 23 8.69 -7.32 -22.23
N MET C 24 8.86 -8.63 -22.10
CA MET C 24 10.10 -9.29 -22.49
C MET C 24 10.34 -9.23 -23.99
N VAL C 25 9.29 -9.02 -24.79
CA VAL C 25 9.43 -8.93 -26.25
C VAL C 25 9.22 -7.52 -26.77
N TYR C 26 8.93 -6.55 -25.90
CA TYR C 26 8.59 -5.21 -26.36
C TYR C 26 9.75 -4.55 -27.08
N GLU C 27 10.94 -4.53 -26.46
CA GLU C 27 12.08 -3.85 -27.06
C GLU C 27 12.58 -4.61 -28.29
N TYR C 28 12.51 -5.94 -28.26
CA TYR C 28 12.86 -6.73 -29.44
C TYR C 28 11.90 -6.45 -30.59
N ASN C 29 10.62 -6.24 -30.29
CA ASN C 29 9.63 -5.92 -31.32
C ASN C 29 9.95 -4.59 -32.00
N THR C 30 10.38 -3.61 -31.22
CA THR C 30 10.75 -2.31 -31.80
C THR C 30 12.04 -2.43 -32.62
N LYS C 31 12.88 -3.41 -32.31
CA LYS C 31 14.13 -3.57 -33.05
C LYS C 31 13.89 -4.15 -34.44
N ILE C 32 12.99 -5.13 -34.54
CA ILE C 32 12.78 -5.85 -35.79
C ILE C 32 11.61 -5.29 -36.61
N LYS C 33 11.06 -4.15 -36.19
CA LYS C 33 9.94 -3.54 -36.92
C LYS C 33 10.31 -3.20 -38.35
N GLU C 34 11.56 -2.81 -38.60
CA GLU C 34 11.99 -2.51 -39.96
C GLU C 34 12.06 -3.74 -40.85
N TYR C 35 12.13 -4.93 -40.27
CA TYR C 35 12.22 -6.18 -41.01
C TYR C 35 10.86 -6.72 -41.41
N GLY C 36 9.77 -6.06 -40.98
CA GLY C 36 8.44 -6.56 -41.25
C GLY C 36 8.06 -7.77 -40.45
N VAL C 37 8.75 -8.04 -39.34
CA VAL C 37 8.53 -9.22 -38.53
C VAL C 37 8.05 -8.78 -37.15
N TYR C 38 7.27 -9.65 -36.50
CA TYR C 38 6.78 -9.41 -35.15
C TYR C 38 6.82 -10.72 -34.38
N LEU C 39 7.29 -10.66 -33.14
CA LEU C 39 7.38 -11.83 -32.27
C LEU C 39 6.31 -11.72 -31.19
N LYS C 40 5.33 -12.63 -31.24
CA LYS C 40 4.30 -12.70 -30.21
C LYS C 40 4.67 -13.79 -29.22
N PRO C 41 4.79 -13.48 -27.92
CA PRO C 41 5.23 -14.48 -26.95
C PRO C 41 4.15 -15.45 -26.49
N TYR C 42 2.97 -15.46 -27.11
CA TYR C 42 1.94 -16.41 -26.73
C TYR C 42 0.99 -16.63 -27.90
N HIS C 43 0.22 -17.72 -27.80
CA HIS C 43 -0.75 -18.10 -28.81
C HIS C 43 -2.00 -18.62 -28.13
N ILE C 44 -3.17 -18.16 -28.58
CA ILE C 44 -4.46 -18.55 -28.03
C ILE C 44 -5.22 -19.35 -29.06
N VAL C 45 -5.60 -20.59 -28.71
CA VAL C 45 -6.47 -21.41 -29.55
C VAL C 45 -7.64 -21.91 -28.71
N TYR C 46 -8.73 -22.26 -29.39
CA TYR C 46 -9.92 -22.81 -28.77
C TYR C 46 -10.13 -24.21 -29.34
N LYS C 47 -9.61 -25.21 -28.64
CA LYS C 47 -9.81 -26.61 -29.00
C LYS C 47 -10.54 -27.30 -27.86
N ASN C 48 -11.06 -28.50 -28.16
CA ASN C 48 -11.91 -29.25 -27.25
C ASN C 48 -13.07 -28.37 -26.78
N SER C 49 -13.17 -28.14 -25.47
CA SER C 49 -14.14 -27.19 -24.94
C SER C 49 -13.49 -26.05 -24.17
N LYS C 50 -12.18 -25.92 -24.24
CA LYS C 50 -11.44 -25.02 -23.37
C LYS C 50 -10.65 -24.00 -24.18
N ARG C 51 -10.20 -22.96 -23.48
CA ARG C 51 -9.33 -21.93 -24.05
C ARG C 51 -7.88 -22.27 -23.72
N TYR C 52 -7.05 -22.33 -24.75
CA TYR C 52 -5.63 -22.66 -24.62
C TYR C 52 -4.80 -21.42 -24.83
N ILE C 53 -3.78 -21.24 -24.00
CA ILE C 53 -2.84 -20.13 -24.11
C ILE C 53 -1.45 -20.74 -24.11
N TYR C 54 -0.89 -20.97 -25.30
CA TYR C 54 0.46 -21.50 -25.41
C TYR C 54 1.48 -20.39 -25.27
N ILE C 55 2.54 -20.66 -24.53
CA ILE C 55 3.64 -19.71 -24.35
C ILE C 55 4.80 -20.18 -25.21
N GLY C 56 5.34 -19.26 -26.02
CA GLY C 56 6.45 -19.60 -26.88
C GLY C 56 6.67 -18.55 -27.94
N LYS C 57 7.62 -18.84 -28.82
CA LYS C 57 7.98 -17.91 -29.89
C LYS C 57 7.03 -18.11 -31.06
N TYR C 58 6.20 -17.11 -31.33
CA TYR C 58 5.26 -17.13 -32.45
C TYR C 58 5.49 -15.89 -33.30
N TRP C 59 5.66 -16.09 -34.60
CA TRP C 59 6.15 -15.05 -35.49
C TRP C 59 5.06 -14.57 -36.43
N TYR C 60 5.10 -13.28 -36.75
CA TYR C 60 4.17 -12.64 -37.66
C TYR C 60 4.95 -11.79 -38.65
N LYS C 61 4.47 -11.73 -39.89
CA LYS C 61 5.09 -10.92 -40.94
C LYS C 61 4.04 -9.99 -41.55
N LEU C 62 4.47 -8.76 -41.85
CA LEU C 62 3.63 -7.80 -42.56
C LEU C 62 3.70 -8.13 -44.05
N GLU C 63 2.60 -8.61 -44.61
CA GLU C 63 2.52 -9.00 -46.02
C GLU C 63 1.46 -8.15 -46.70
N LYS C 64 1.80 -7.63 -47.87
CA LYS C 64 0.92 -6.71 -48.61
C LYS C 64 -0.20 -7.52 -49.25
N ILE C 65 -1.38 -7.48 -48.64
CA ILE C 65 -2.57 -8.16 -49.16
C ILE C 65 -3.57 -7.07 -49.55
N GLY C 66 -4.03 -7.11 -50.80
CA GLY C 66 -4.99 -6.13 -51.29
C GLY C 66 -4.41 -4.73 -51.45
N LYS C 70 -3.08 -8.84 -42.86
CA LYS C 70 -1.81 -8.20 -43.20
C LYS C 70 -0.70 -8.69 -42.28
N TRP C 71 -1.07 -9.06 -41.06
CA TRP C 71 -0.13 -9.65 -40.10
C TRP C 71 -0.37 -11.15 -40.11
N ILE C 72 0.38 -11.85 -40.96
CA ILE C 72 0.16 -13.26 -41.21
C ILE C 72 0.96 -14.09 -40.23
N TYR C 73 0.35 -15.19 -39.77
CA TYR C 73 1.00 -16.13 -38.87
C TYR C 73 1.99 -16.99 -39.65
N LEU C 74 3.25 -17.01 -39.20
CA LEU C 74 4.31 -17.73 -39.90
C LEU C 74 4.72 -19.03 -39.22
N GLY C 75 4.01 -19.44 -38.16
CA GLY C 75 4.39 -20.62 -37.43
C GLY C 75 5.31 -20.29 -36.26
N LYS C 76 6.24 -21.21 -35.95
CA LYS C 76 7.19 -21.03 -34.86
C LYS C 76 8.63 -20.92 -35.38
N THR C 77 8.80 -20.48 -36.62
CA THR C 77 10.11 -20.37 -37.25
C THR C 77 10.48 -18.90 -37.40
N LYS C 78 11.70 -18.56 -37.01
CA LYS C 78 12.23 -17.23 -37.29
C LYS C 78 12.43 -17.11 -38.80
N PRO C 79 11.81 -16.12 -39.46
CA PRO C 79 11.80 -16.13 -40.93
C PRO C 79 13.10 -15.67 -41.56
N ILE C 80 13.80 -14.73 -40.93
CA ILE C 80 15.01 -14.14 -41.51
C ILE C 80 16.17 -14.40 -40.55
N GLN C 81 17.25 -14.95 -41.08
CA GLN C 81 18.37 -15.36 -40.22
C GLN C 81 19.20 -14.18 -39.74
N ASN C 82 19.35 -13.16 -40.57
CA ASN C 82 20.22 -12.02 -40.25
C ASN C 82 19.56 -10.99 -39.35
N MET C 83 18.38 -11.27 -38.82
CA MET C 83 17.79 -10.41 -37.81
C MET C 83 18.43 -10.68 -36.46
N PRO C 84 18.41 -9.71 -35.54
CA PRO C 84 18.95 -9.95 -34.20
C PRO C 84 18.22 -11.09 -33.50
N ASN C 85 18.98 -11.86 -32.72
CA ASN C 85 18.42 -13.06 -32.10
C ASN C 85 17.37 -12.68 -31.07
N PRO C 86 16.23 -13.38 -31.05
CA PRO C 86 15.16 -13.05 -30.10
C PRO C 86 15.59 -13.31 -28.67
N PRO C 87 14.95 -12.65 -27.70
CA PRO C 87 15.22 -12.98 -26.29
C PRO C 87 14.70 -14.36 -25.95
N GLN C 88 15.08 -14.83 -24.76
CA GLN C 88 14.70 -16.16 -24.33
C GLN C 88 13.26 -16.14 -23.82
N ILE C 89 12.42 -16.94 -24.46
CA ILE C 89 10.99 -17.01 -24.16
C ILE C 89 10.69 -18.41 -23.65
N PRO C 90 10.08 -18.57 -22.49
CA PRO C 90 9.75 -19.91 -22.00
C PRO C 90 8.66 -20.56 -22.85
N GLU C 91 8.67 -21.88 -22.85
CA GLU C 91 7.67 -22.68 -23.57
C GLU C 91 6.82 -23.45 -22.58
N SER C 92 5.51 -23.22 -22.62
CA SER C 92 4.57 -23.88 -21.71
C SER C 92 3.16 -23.69 -22.26
N THR C 93 2.24 -24.50 -21.75
CA THR C 93 0.84 -24.47 -22.14
C THR C 93 -0.02 -24.06 -20.94
N ILE C 94 -0.87 -23.06 -21.13
CA ILE C 94 -1.81 -22.60 -20.12
C ILE C 94 -3.22 -22.96 -20.56
N ILE C 95 -3.97 -23.60 -19.67
CA ILE C 95 -5.34 -24.00 -19.94
C ILE C 95 -6.26 -23.25 -19.01
N LYS C 96 -7.27 -22.59 -19.58
CA LYS C 96 -8.25 -21.85 -18.79
C LYS C 96 -9.31 -22.80 -18.25
N GLU C 97 -9.60 -22.69 -16.96
CA GLU C 97 -10.64 -23.49 -16.35
C GLU C 97 -12.02 -23.09 -16.90
N ASP C 98 -12.97 -24.00 -16.76
CA ASP C 98 -14.33 -23.74 -17.22
C ASP C 98 -14.96 -22.63 -16.39
N ASN C 99 -15.80 -21.83 -17.04
CA ASN C 99 -16.51 -20.76 -16.37
C ASN C 99 -17.44 -21.32 -15.29
N GLU C 100 -17.49 -20.64 -14.15
CA GLU C 100 -18.25 -21.10 -12.99
C GLU C 100 -19.07 -19.94 -12.44
N TYR C 101 -20.29 -20.26 -11.99
CA TYR C 101 -21.24 -19.26 -11.54
C TYR C 101 -21.80 -19.63 -10.18
N ILE C 102 -21.99 -18.65 -9.32
CA ILE C 102 -22.54 -18.85 -7.98
C ILE C 102 -23.97 -18.33 -7.98
N VAL C 103 -24.92 -19.23 -7.70
CA VAL C 103 -26.34 -18.92 -7.74
C VAL C 103 -27.00 -19.37 -6.44
N ASP C 104 -28.28 -19.04 -6.30
CA ASP C 104 -29.08 -19.46 -5.17
C ASP C 104 -29.94 -20.67 -5.54
N GLU C 105 -30.57 -21.25 -4.52
CA GLU C 105 -31.40 -22.44 -4.70
C GLU C 105 -32.62 -22.09 -5.55
N LYS C 106 -32.64 -22.57 -6.79
CA LYS C 106 -33.69 -22.27 -7.75
C LYS C 106 -34.56 -23.51 -7.93
N ILE C 107 -35.68 -23.54 -7.22
CA ILE C 107 -36.65 -24.64 -7.36
C ILE C 107 -37.61 -24.20 -8.47
N LEU C 108 -37.18 -24.39 -9.71
CA LEU C 108 -37.89 -23.96 -10.91
C LEU C 108 -38.32 -22.49 -10.87
N MET D 5 -28.12 -22.60 0.01
CA MET D 5 -28.03 -21.18 -0.30
C MET D 5 -27.26 -20.97 -1.59
N ARG D 6 -25.93 -20.93 -1.52
CA ARG D 6 -25.09 -20.62 -2.66
C ARG D 6 -24.49 -21.91 -3.23
N VAL D 7 -24.78 -22.20 -4.50
CA VAL D 7 -24.25 -23.35 -5.20
C VAL D 7 -23.55 -22.87 -6.46
N LYS D 8 -22.75 -23.77 -7.05
CA LYS D 8 -21.87 -23.42 -8.16
C LYS D 8 -22.26 -24.22 -9.41
N VAL D 9 -22.42 -23.51 -10.53
CA VAL D 9 -22.78 -24.10 -11.82
C VAL D 9 -21.82 -23.58 -12.87
N ASN D 10 -21.77 -24.29 -14.00
CA ASN D 10 -20.95 -23.87 -15.13
C ASN D 10 -21.81 -23.09 -16.13
N GLU D 11 -21.24 -22.81 -17.31
CA GLU D 11 -21.88 -21.92 -18.27
C GLU D 11 -23.18 -22.51 -18.83
N LYS D 12 -23.16 -23.81 -19.16
CA LYS D 12 -24.32 -24.42 -19.80
C LYS D 12 -25.54 -24.41 -18.89
N GLN D 13 -25.35 -24.78 -17.62
CA GLN D 13 -26.45 -24.68 -16.66
C GLN D 13 -26.84 -23.22 -16.43
N PHE D 14 -25.86 -22.33 -16.39
CA PHE D 14 -26.16 -20.90 -16.26
C PHE D 14 -26.97 -20.41 -17.45
N ASP D 15 -26.59 -20.81 -18.66
CA ASP D 15 -27.37 -20.47 -19.85
C ASP D 15 -28.76 -21.08 -19.78
N MET D 16 -28.88 -22.27 -19.20
CA MET D 16 -30.19 -22.85 -18.96
C MET D 16 -31.01 -21.99 -18.00
N ILE D 17 -30.40 -21.57 -16.88
CA ILE D 17 -31.11 -20.81 -15.86
C ILE D 17 -31.67 -19.51 -16.43
N ILE D 18 -30.89 -18.85 -17.30
CA ILE D 18 -31.36 -17.64 -17.96
C ILE D 18 -32.59 -17.94 -18.81
N ASP D 19 -32.57 -19.06 -19.53
CA ASP D 19 -33.70 -19.43 -20.37
C ASP D 19 -34.92 -19.85 -19.55
N LYS D 20 -34.69 -20.51 -18.40
CA LYS D 20 -35.81 -20.88 -17.54
C LYS D 20 -36.54 -19.65 -17.03
N LEU D 21 -35.78 -18.60 -16.68
CA LEU D 21 -36.40 -17.34 -16.27
C LEU D 21 -37.15 -16.69 -17.43
N LYS D 22 -36.58 -16.76 -18.65
CA LYS D 22 -37.28 -16.28 -19.83
C LYS D 22 -38.57 -17.05 -20.04
N LEU D 23 -38.55 -18.36 -19.77
CA LEU D 23 -39.74 -19.18 -19.89
C LEU D 23 -40.78 -18.80 -18.84
N MET D 24 -40.34 -18.49 -17.61
CA MET D 24 -41.25 -18.21 -16.51
C MET D 24 -42.04 -16.92 -16.72
N VAL D 25 -41.56 -16.02 -17.56
CA VAL D 25 -42.26 -14.78 -17.86
C VAL D 25 -42.84 -14.75 -19.26
N TYR D 26 -42.69 -15.84 -20.03
CA TYR D 26 -43.29 -15.91 -21.36
C TYR D 26 -44.81 -15.85 -21.27
N GLU D 27 -45.37 -16.52 -20.26
CA GLU D 27 -46.81 -16.50 -20.04
C GLU D 27 -47.30 -15.07 -19.82
N TYR D 28 -46.62 -14.33 -18.93
CA TYR D 28 -47.13 -13.07 -18.42
C TYR D 28 -47.02 -11.95 -19.46
N ASN D 29 -45.90 -11.87 -20.17
CA ASN D 29 -45.68 -10.75 -21.09
C ASN D 29 -46.67 -10.76 -22.24
N THR D 30 -47.18 -11.93 -22.63
CA THR D 30 -48.24 -11.98 -23.62
C THR D 30 -49.55 -11.46 -23.05
N LYS D 31 -49.85 -11.76 -21.79
CA LYS D 31 -51.03 -11.20 -21.14
C LYS D 31 -50.95 -9.68 -21.05
N ILE D 32 -49.78 -9.15 -20.69
CA ILE D 32 -49.61 -7.73 -20.47
C ILE D 32 -48.97 -7.04 -21.67
N LYS D 33 -49.05 -7.66 -22.85
CA LYS D 33 -48.62 -6.98 -24.06
C LYS D 33 -49.60 -5.89 -24.46
N GLU D 34 -50.87 -6.03 -24.06
CA GLU D 34 -51.87 -5.02 -24.40
C GLU D 34 -51.62 -3.70 -23.68
N TYR D 35 -51.17 -3.76 -22.43
CA TYR D 35 -50.91 -2.55 -21.67
C TYR D 35 -49.64 -1.83 -22.12
N GLY D 36 -48.82 -2.45 -22.98
CA GLY D 36 -47.54 -1.88 -23.33
C GLY D 36 -46.45 -2.09 -22.31
N VAL D 37 -46.60 -3.08 -21.43
CA VAL D 37 -45.64 -3.34 -20.37
C VAL D 37 -44.91 -4.65 -20.68
N TYR D 38 -43.63 -4.70 -20.33
CA TYR D 38 -42.85 -5.93 -20.38
C TYR D 38 -42.18 -6.13 -19.03
N LEU D 39 -42.26 -7.36 -18.51
CA LEU D 39 -41.59 -7.72 -17.27
C LEU D 39 -40.35 -8.54 -17.61
N LYS D 40 -39.17 -8.03 -17.25
CA LYS D 40 -37.91 -8.70 -17.47
C LYS D 40 -37.44 -9.37 -16.19
N PRO D 41 -37.16 -10.68 -16.21
CA PRO D 41 -36.82 -11.38 -14.96
C PRO D 41 -35.40 -11.16 -14.47
N TYR D 42 -34.56 -10.44 -15.21
CA TYR D 42 -33.17 -10.29 -14.79
C TYR D 42 -32.61 -8.95 -15.26
N HIS D 43 -31.44 -8.60 -14.74
CA HIS D 43 -30.73 -7.39 -15.13
C HIS D 43 -29.23 -7.67 -15.14
N ILE D 44 -28.54 -7.17 -16.18
CA ILE D 44 -27.13 -7.43 -16.42
C ILE D 44 -26.34 -6.24 -15.89
N VAL D 45 -25.33 -6.51 -15.04
CA VAL D 45 -24.44 -5.48 -14.50
C VAL D 45 -23.01 -6.02 -14.51
N TYR D 46 -22.06 -5.14 -14.84
CA TYR D 46 -20.65 -5.44 -14.96
C TYR D 46 -19.91 -4.57 -13.95
N LYS D 47 -19.83 -5.06 -12.71
CA LYS D 47 -19.30 -4.27 -11.60
C LYS D 47 -18.16 -5.03 -10.91
N ASN D 48 -17.11 -4.30 -10.55
CA ASN D 48 -15.97 -4.84 -9.80
C ASN D 48 -15.29 -6.00 -10.52
N LYS D 50 -16.43 -9.15 -13.16
CA LYS D 50 -17.30 -8.15 -13.76
C LYS D 50 -18.75 -8.65 -13.78
N ARG D 51 -18.95 -9.89 -14.24
CA ARG D 51 -20.28 -10.39 -14.57
C ARG D 51 -21.14 -10.54 -13.30
N TYR D 52 -22.13 -9.67 -13.17
CA TYR D 52 -23.17 -9.77 -12.15
C TYR D 52 -24.51 -9.92 -12.85
N ILE D 53 -25.25 -10.98 -12.51
CA ILE D 53 -26.60 -11.19 -13.02
C ILE D 53 -27.56 -10.96 -11.87
N TYR D 54 -28.42 -9.95 -12.00
CA TYR D 54 -29.36 -9.59 -10.94
C TYR D 54 -30.75 -10.10 -11.32
N ILE D 55 -31.26 -11.03 -10.52
CA ILE D 55 -32.54 -11.66 -10.79
C ILE D 55 -33.61 -10.86 -10.07
N GLY D 56 -34.51 -10.23 -10.83
CA GLY D 56 -35.49 -9.35 -10.23
C GLY D 56 -36.65 -9.07 -11.16
N LYS D 57 -37.64 -8.36 -10.61
CA LYS D 57 -38.74 -7.85 -11.40
C LYS D 57 -38.34 -6.48 -11.93
N TYR D 58 -38.06 -6.40 -13.23
CA TYR D 58 -37.67 -5.15 -13.89
C TYR D 58 -38.72 -4.87 -14.95
N TRP D 59 -39.62 -3.94 -14.65
CA TRP D 59 -40.76 -3.65 -15.51
C TRP D 59 -40.40 -2.57 -16.51
N TYR D 60 -40.84 -2.76 -17.75
CA TYR D 60 -40.52 -1.85 -18.84
C TYR D 60 -41.79 -1.44 -19.56
N LYS D 61 -41.78 -0.24 -20.12
CA LYS D 61 -42.89 0.31 -20.88
C LYS D 61 -42.43 0.52 -22.33
N LEU D 62 -43.38 0.45 -23.26
CA LEU D 62 -43.08 0.64 -24.68
C LEU D 62 -43.51 2.05 -25.09
N GLU D 63 -42.61 2.76 -25.76
CA GLU D 63 -42.87 4.10 -26.29
C GLU D 63 -41.85 4.39 -27.36
N LYS D 64 -42.32 4.79 -28.54
CA LYS D 64 -41.46 4.97 -29.71
C LYS D 64 -40.78 6.33 -29.63
N ILE D 65 -39.51 6.33 -29.26
CA ILE D 65 -38.74 7.56 -29.15
C ILE D 65 -38.47 8.15 -30.53
N LYS D 68 -38.39 6.42 -33.34
CA LYS D 68 -37.57 5.23 -33.14
C LYS D 68 -38.28 4.25 -32.21
N LEU D 69 -37.53 3.64 -31.29
CA LEU D 69 -38.09 2.67 -30.35
C LEU D 69 -37.13 2.50 -29.19
N LYS D 70 -37.68 2.48 -27.97
CA LYS D 70 -36.90 2.26 -26.76
C LYS D 70 -37.78 1.55 -25.73
N TRP D 71 -37.14 0.73 -24.90
CA TRP D 71 -37.81 0.02 -23.81
C TRP D 71 -37.45 0.75 -22.52
N ILE D 72 -38.37 1.60 -22.07
CA ILE D 72 -38.12 2.48 -20.93
C ILE D 72 -38.34 1.71 -19.64
N TYR D 73 -37.33 1.71 -18.77
CA TYR D 73 -37.46 1.07 -17.47
C TYR D 73 -38.50 1.80 -16.63
N LEU D 74 -39.33 1.03 -15.92
CA LEU D 74 -40.40 1.58 -15.10
C LEU D 74 -40.11 1.47 -13.61
N GLY D 75 -39.74 0.28 -13.12
CA GLY D 75 -39.47 0.12 -11.71
C GLY D 75 -39.42 -1.35 -11.33
N LYS D 76 -39.52 -1.59 -10.02
CA LYS D 76 -39.50 -2.95 -9.47
C LYS D 76 -40.90 -3.44 -9.10
N THR D 77 -41.94 -2.69 -9.47
CA THR D 77 -43.29 -2.95 -8.98
C THR D 77 -44.26 -2.79 -10.14
N LYS D 78 -45.31 -3.62 -10.13
CA LYS D 78 -46.37 -3.60 -11.14
C LYS D 78 -46.95 -2.20 -11.29
N PRO D 79 -46.81 -1.54 -12.46
CA PRO D 79 -47.25 -0.15 -12.60
C PRO D 79 -48.73 0.07 -12.35
N ILE D 80 -49.59 -0.62 -13.09
CA ILE D 80 -51.02 -0.52 -12.89
C ILE D 80 -51.44 -1.55 -11.85
N GLN D 81 -52.34 -1.15 -10.94
CA GLN D 81 -52.81 -2.05 -9.90
C GLN D 81 -53.92 -2.98 -10.38
N ASN D 82 -54.51 -2.72 -11.56
CA ASN D 82 -55.52 -3.59 -12.12
C ASN D 82 -54.94 -4.59 -13.13
N MET D 83 -53.63 -4.58 -13.33
CA MET D 83 -52.96 -5.51 -14.22
C MET D 83 -52.83 -6.88 -13.56
N PRO D 84 -52.74 -7.96 -14.34
CA PRO D 84 -52.65 -9.29 -13.73
C PRO D 84 -51.39 -9.46 -12.91
N ASN D 85 -51.47 -10.34 -11.91
CA ASN D 85 -50.34 -10.55 -11.02
C ASN D 85 -49.25 -11.38 -11.71
N PRO D 86 -47.99 -11.05 -11.49
CA PRO D 86 -46.91 -11.78 -12.16
C PRO D 86 -46.61 -13.09 -11.46
N PRO D 87 -45.97 -14.04 -12.16
CA PRO D 87 -45.38 -15.19 -11.46
C PRO D 87 -44.29 -14.71 -10.52
N GLN D 88 -44.13 -15.43 -9.41
CA GLN D 88 -43.19 -15.01 -8.37
C GLN D 88 -41.76 -15.15 -8.86
N ILE D 89 -40.99 -14.06 -8.75
CA ILE D 89 -39.59 -14.04 -9.11
C ILE D 89 -38.78 -13.67 -7.88
N PRO D 90 -38.18 -14.65 -7.20
CA PRO D 90 -37.41 -14.36 -5.98
C PRO D 90 -36.22 -13.45 -6.25
N GLU D 91 -35.89 -12.62 -5.26
CA GLU D 91 -34.78 -11.69 -5.34
C GLU D 91 -33.47 -12.43 -5.13
N SER D 92 -32.57 -12.37 -6.12
CA SER D 92 -31.32 -13.11 -6.00
C SER D 92 -30.27 -12.52 -6.93
N THR D 93 -29.02 -12.92 -6.68
CA THR D 93 -27.86 -12.47 -7.44
C THR D 93 -27.08 -13.68 -7.95
N ILE D 94 -26.52 -13.55 -9.15
CA ILE D 94 -25.68 -14.57 -9.75
C ILE D 94 -24.30 -13.97 -10.01
N ILE D 95 -23.26 -14.67 -9.54
CA ILE D 95 -21.88 -14.18 -9.62
C ILE D 95 -21.11 -15.15 -10.50
N LYS D 96 -20.46 -14.63 -11.54
CA LYS D 96 -19.48 -15.38 -12.30
C LYS D 96 -18.14 -15.30 -11.57
N GLU D 97 -17.63 -16.45 -11.14
CA GLU D 97 -16.38 -16.47 -10.40
C GLU D 97 -15.22 -16.07 -11.29
N ASP D 98 -14.12 -15.67 -10.64
CA ASP D 98 -12.93 -15.25 -11.37
C ASP D 98 -12.42 -16.37 -12.27
N ASN D 99 -12.08 -16.02 -13.50
CA ASN D 99 -11.57 -16.99 -14.46
C ASN D 99 -10.26 -17.57 -13.95
N GLU D 100 -10.22 -18.88 -13.79
CA GLU D 100 -9.05 -19.57 -13.28
C GLU D 100 -8.35 -20.31 -14.40
N TYR D 101 -7.04 -20.47 -14.26
CA TYR D 101 -6.19 -21.05 -15.29
C TYR D 101 -5.25 -22.07 -14.66
N ILE D 102 -4.94 -23.11 -15.43
CA ILE D 102 -3.95 -24.10 -15.03
C ILE D 102 -2.64 -23.77 -15.74
N VAL D 103 -1.58 -23.60 -14.96
CA VAL D 103 -0.30 -23.13 -15.49
C VAL D 103 0.82 -23.77 -14.67
N ASP D 104 1.90 -24.15 -15.35
CA ASP D 104 3.07 -24.68 -14.68
C ASP D 104 3.67 -23.63 -13.74
N GLU D 105 4.02 -24.07 -12.53
CA GLU D 105 4.59 -23.18 -11.52
C GLU D 105 5.94 -22.61 -11.92
N LYS D 106 6.64 -23.26 -12.86
CA LYS D 106 7.93 -22.75 -13.32
C LYS D 106 7.76 -21.41 -14.00
N ILE D 107 6.67 -21.23 -14.75
CA ILE D 107 6.38 -19.95 -15.40
C ILE D 107 6.12 -18.89 -14.35
N LEU D 108 5.41 -19.25 -13.27
CA LEU D 108 5.10 -18.28 -12.23
C LEU D 108 6.36 -17.81 -11.51
N TYR D 109 7.28 -18.73 -11.24
CA TYR D 109 8.52 -18.35 -10.57
C TYR D 109 9.39 -17.45 -11.43
N ASP D 110 9.24 -17.51 -12.75
CA ASP D 110 10.00 -16.64 -13.64
C ASP D 110 9.60 -15.17 -13.53
N LEU D 111 8.49 -14.86 -12.86
CA LEU D 111 8.11 -13.48 -12.63
C LEU D 111 9.01 -12.84 -11.57
N VAL E 4 -34.86 14.93 1.82
CA VAL E 4 -34.70 15.46 3.17
C VAL E 4 -34.78 14.29 4.16
N MET E 5 -34.64 13.08 3.62
CA MET E 5 -34.78 11.86 4.43
C MET E 5 -33.76 11.82 5.55
N ARG E 6 -32.47 12.00 5.22
CA ARG E 6 -31.39 11.90 6.20
C ARG E 6 -30.78 13.26 6.44
N VAL E 7 -30.75 13.68 7.70
CA VAL E 7 -30.21 14.97 8.11
C VAL E 7 -29.17 14.76 9.20
N LYS E 8 -28.53 15.85 9.59
CA LYS E 8 -27.45 15.84 10.57
C LYS E 8 -27.88 16.59 11.81
N VAL E 9 -27.76 15.95 12.98
CA VAL E 9 -28.11 16.55 14.26
C VAL E 9 -26.93 16.42 15.21
N ASN E 10 -26.94 17.26 16.24
CA ASN E 10 -25.85 17.28 17.21
C ASN E 10 -26.21 16.39 18.40
N GLU E 11 -25.39 16.44 19.46
CA GLU E 11 -25.49 15.48 20.55
C GLU E 11 -26.81 15.60 21.31
N LYS E 12 -27.24 16.83 21.59
CA LYS E 12 -28.42 17.03 22.45
C LYS E 12 -29.68 16.46 21.81
N GLN E 13 -29.88 16.71 20.51
CA GLN E 13 -31.03 16.11 19.82
C GLN E 13 -30.89 14.60 19.69
N PHE E 14 -29.65 14.12 19.56
CA PHE E 14 -29.41 12.68 19.53
C PHE E 14 -29.80 12.03 20.85
N ASP E 15 -29.50 12.69 21.97
CA ASP E 15 -29.90 12.18 23.26
C ASP E 15 -31.42 12.23 23.45
N MET E 16 -32.09 13.17 22.78
CA MET E 16 -33.54 13.25 22.87
C MET E 16 -34.20 12.01 22.26
N ILE E 17 -33.69 11.54 21.12
CA ILE E 17 -34.23 10.36 20.47
C ILE E 17 -34.02 9.12 21.35
N ILE E 18 -32.84 9.00 21.96
CA ILE E 18 -32.55 7.88 22.85
C ILE E 18 -33.50 7.87 24.04
N ASP E 19 -33.68 9.04 24.67
CA ASP E 19 -34.45 9.11 25.89
C ASP E 19 -35.92 8.82 25.66
N LYS E 20 -36.45 9.18 24.49
CA LYS E 20 -37.80 8.76 24.15
C LYS E 20 -37.88 7.23 24.07
N LEU E 21 -36.94 6.62 23.33
CA LEU E 21 -36.98 5.17 23.12
C LEU E 21 -36.93 4.41 24.43
N LYS E 22 -36.09 4.86 25.37
CA LYS E 22 -36.09 4.26 26.70
C LYS E 22 -37.41 4.50 27.42
N LEU E 23 -38.11 5.59 27.09
CA LEU E 23 -39.38 5.89 27.72
C LEU E 23 -40.53 5.04 27.15
N MET E 24 -40.53 4.77 25.84
CA MET E 24 -41.60 3.97 25.26
C MET E 24 -41.59 2.53 25.75
N VAL E 25 -40.45 2.03 26.22
CA VAL E 25 -40.34 0.65 26.67
C VAL E 25 -40.19 0.53 28.17
N TYR E 26 -40.15 1.65 28.90
CA TYR E 26 -39.93 1.59 30.34
C TYR E 26 -41.07 0.87 31.05
N GLU E 27 -42.31 1.23 30.74
CA GLU E 27 -43.45 0.57 31.36
C GLU E 27 -43.55 -0.90 30.94
N TYR E 28 -43.35 -1.17 29.65
CA TYR E 28 -43.42 -2.54 29.15
C TYR E 28 -42.37 -3.43 29.80
N ASN E 29 -41.18 -2.88 30.05
CA ASN E 29 -40.09 -3.66 30.61
C ASN E 29 -40.30 -3.91 32.10
N THR E 30 -41.06 -3.04 32.78
CA THR E 30 -41.50 -3.36 34.13
C THR E 30 -42.53 -4.48 34.13
N LYS E 31 -43.38 -4.50 33.10
CA LYS E 31 -44.41 -5.53 33.01
C LYS E 31 -43.81 -6.90 32.72
N ILE E 32 -42.80 -6.96 31.85
CA ILE E 32 -42.18 -8.22 31.46
C ILE E 32 -40.93 -8.49 32.30
N LYS E 33 -40.77 -7.80 33.43
CA LYS E 33 -39.61 -8.02 34.29
C LYS E 33 -39.61 -9.44 34.87
N GLU E 34 -40.80 -9.95 35.22
CA GLU E 34 -40.91 -11.27 35.81
C GLU E 34 -40.44 -12.37 34.86
N TYR E 35 -40.60 -12.16 33.56
CA TYR E 35 -40.18 -13.14 32.57
C TYR E 35 -38.67 -13.27 32.47
N GLY E 36 -37.91 -12.35 33.08
CA GLY E 36 -36.47 -12.33 32.87
C GLY E 36 -36.07 -11.85 31.50
N VAL E 37 -36.93 -11.08 30.84
CA VAL E 37 -36.73 -10.66 29.46
C VAL E 37 -36.71 -9.14 29.43
N TYR E 38 -35.71 -8.58 28.75
CA TYR E 38 -35.56 -7.14 28.58
C TYR E 38 -35.65 -6.80 27.10
N LEU E 39 -36.41 -5.76 26.78
CA LEU E 39 -36.49 -5.23 25.41
C LEU E 39 -35.76 -3.90 25.37
N LYS E 40 -34.67 -3.85 24.61
CA LYS E 40 -33.94 -2.60 24.39
C LYS E 40 -34.24 -2.09 23.00
N PRO E 41 -34.76 -0.87 22.85
CA PRO E 41 -35.25 -0.41 21.54
C PRO E 41 -34.16 0.03 20.58
N TYR E 42 -32.89 -0.15 20.91
CA TYR E 42 -31.81 0.24 20.01
C TYR E 42 -30.64 -0.73 20.19
N HIS E 43 -29.56 -0.47 19.45
CA HIS E 43 -28.40 -1.36 19.46
C HIS E 43 -27.22 -0.59 18.91
N ILE E 44 -26.12 -0.59 19.65
CA ILE E 44 -24.91 0.13 19.27
C ILE E 44 -23.87 -0.89 18.82
N VAL E 45 -23.47 -0.81 17.55
CA VAL E 45 -22.39 -1.62 17.02
C VAL E 45 -21.26 -0.70 16.58
N TYR E 46 -20.04 -1.05 16.99
CA TYR E 46 -18.85 -0.30 16.58
C TYR E 46 -18.16 -0.99 15.40
N LYS E 47 -18.93 -1.18 14.34
CA LYS E 47 -18.38 -1.73 13.11
C LYS E 47 -17.91 -0.61 12.20
N ASN E 48 -16.96 -0.96 11.32
CA ASN E 48 -16.19 -0.09 10.43
C ASN E 48 -15.71 1.20 11.13
N SER E 49 -15.35 1.06 12.42
CA SER E 49 -14.78 2.12 13.25
C SER E 49 -15.72 3.30 13.43
N LYS E 50 -17.02 3.08 13.26
CA LYS E 50 -18.04 4.10 13.47
C LYS E 50 -19.10 3.57 14.41
N ARG E 51 -19.66 4.48 15.21
CA ARG E 51 -20.75 4.11 16.12
C ARG E 51 -22.05 4.10 15.33
N TYR E 52 -22.52 2.90 14.98
CA TYR E 52 -23.85 2.73 14.42
C TYR E 52 -24.84 2.51 15.55
N ILE E 53 -26.01 3.13 15.45
CA ILE E 53 -27.11 2.91 16.38
C ILE E 53 -28.31 2.48 15.56
N TYR E 54 -28.76 1.23 15.76
CA TYR E 54 -29.86 0.66 15.01
C TYR E 54 -31.11 0.68 15.89
N ILE E 55 -32.15 1.33 15.41
CA ILE E 55 -33.41 1.42 16.14
C ILE E 55 -34.27 0.21 15.78
N GLY E 56 -34.78 -0.48 16.78
CA GLY E 56 -35.59 -1.66 16.55
C GLY E 56 -35.70 -2.49 17.80
N LYS E 57 -36.55 -3.52 17.71
CA LYS E 57 -36.81 -4.38 18.86
C LYS E 57 -35.67 -5.37 19.02
N TYR E 58 -34.92 -5.25 20.11
CA TYR E 58 -33.81 -6.15 20.43
C TYR E 58 -34.07 -6.73 21.81
N TRP E 59 -34.30 -8.05 21.87
CA TRP E 59 -34.72 -8.72 23.09
C TRP E 59 -33.53 -9.37 23.78
N TYR E 60 -33.52 -9.29 25.11
CA TYR E 60 -32.45 -9.83 25.93
C TYR E 60 -33.03 -10.63 27.08
N LYS E 61 -32.24 -11.56 27.60
CA LYS E 61 -32.65 -12.38 28.73
C LYS E 61 -31.53 -12.45 29.75
N LEU E 62 -31.91 -12.70 31.00
CA LEU E 62 -31.00 -12.66 32.13
C LEU E 62 -30.83 -14.07 32.71
N GLU E 63 -29.58 -14.51 32.84
CA GLU E 63 -29.29 -15.80 33.45
C GLU E 63 -27.97 -15.72 34.19
N LYS E 64 -27.80 -16.61 35.16
CA LYS E 64 -26.64 -16.60 36.06
C LYS E 64 -25.47 -17.31 35.37
N ILE E 65 -24.50 -16.52 34.91
CA ILE E 65 -23.28 -17.05 34.32
C ILE E 65 -22.13 -16.63 35.24
N GLY E 66 -21.47 -17.61 35.85
CA GLY E 66 -20.40 -17.34 36.79
C GLY E 66 -20.83 -16.54 38.01
N GLY E 67 -22.13 -16.49 38.30
CA GLY E 67 -22.64 -15.66 39.36
C GLY E 67 -22.79 -14.20 39.02
N LYS E 68 -22.47 -13.79 37.79
CA LYS E 68 -22.46 -12.38 37.42
C LYS E 68 -23.74 -11.91 36.74
N LEU E 69 -24.67 -12.82 36.41
CA LEU E 69 -26.01 -12.50 35.95
C LEU E 69 -25.97 -11.64 34.67
N LYS E 70 -25.48 -12.26 33.61
CA LYS E 70 -25.26 -11.58 32.34
C LYS E 70 -26.55 -11.48 31.53
N TRP E 71 -26.64 -10.43 30.71
CA TRP E 71 -27.73 -10.27 29.75
C TRP E 71 -27.36 -10.96 28.45
N ILE E 72 -28.27 -11.82 27.96
CA ILE E 72 -28.03 -12.62 26.76
C ILE E 72 -29.00 -12.16 25.67
N TYR E 73 -28.46 -11.85 24.49
CA TYR E 73 -29.29 -11.43 23.37
C TYR E 73 -30.18 -12.56 22.89
N LEU E 74 -31.43 -12.24 22.58
CA LEU E 74 -32.42 -13.21 22.15
C LEU E 74 -32.74 -13.10 20.66
N GLY E 75 -33.06 -11.91 20.20
CA GLY E 75 -33.42 -11.73 18.81
C GLY E 75 -34.26 -10.47 18.64
N LYS E 76 -34.87 -10.37 17.46
CA LYS E 76 -35.68 -9.22 17.10
C LYS E 76 -37.16 -9.41 17.39
N THR E 77 -37.56 -10.53 17.96
CA THR E 77 -38.97 -10.87 18.09
C THR E 77 -39.28 -11.30 19.52
N LYS E 78 -40.56 -11.35 19.84
CA LYS E 78 -41.02 -11.71 21.17
C LYS E 78 -40.67 -13.17 21.48
N PRO E 79 -39.92 -13.45 22.56
CA PRO E 79 -39.49 -14.83 22.81
C PRO E 79 -40.63 -15.80 23.11
N ILE E 80 -41.65 -15.37 23.84
CA ILE E 80 -42.77 -16.23 24.19
C ILE E 80 -44.03 -15.68 23.53
N GLN E 81 -44.96 -16.59 23.21
CA GLN E 81 -46.23 -16.18 22.63
C GLN E 81 -47.09 -15.41 23.64
N ASN E 82 -47.10 -15.84 24.90
CA ASN E 82 -48.09 -15.37 25.86
C ASN E 82 -47.61 -14.19 26.71
N MET E 83 -46.54 -13.51 26.29
CA MET E 83 -46.18 -12.24 26.90
C MET E 83 -47.05 -11.13 26.30
N PRO E 84 -47.21 -10.01 27.02
CA PRO E 84 -47.89 -8.86 26.43
C PRO E 84 -47.15 -8.33 25.21
N ASN E 85 -47.91 -7.83 24.25
CA ASN E 85 -47.34 -7.29 23.03
C ASN E 85 -46.52 -6.04 23.32
N PRO E 86 -45.42 -5.83 22.60
CA PRO E 86 -44.55 -4.69 22.91
C PRO E 86 -45.04 -3.42 22.24
N PRO E 87 -44.56 -2.26 22.69
CA PRO E 87 -44.81 -1.03 21.93
C PRO E 87 -44.13 -1.10 20.57
N GLN E 88 -44.76 -0.46 19.58
CA GLN E 88 -44.23 -0.48 18.22
C GLN E 88 -42.95 0.33 18.16
N ILE E 89 -41.82 -0.35 18.02
CA ILE E 89 -40.52 0.29 17.91
C ILE E 89 -40.20 0.43 16.42
N PRO E 90 -39.93 1.64 15.93
CA PRO E 90 -39.60 1.79 14.50
C PRO E 90 -38.21 1.25 14.20
N GLU E 91 -37.95 1.07 12.91
CA GLU E 91 -36.67 0.58 12.43
C GLU E 91 -35.97 1.71 11.68
N SER E 92 -34.80 2.13 12.21
CA SER E 92 -34.04 3.19 11.59
C SER E 92 -32.58 3.05 12.01
N THR E 93 -31.69 3.56 11.17
CA THR E 93 -30.25 3.50 11.39
C THR E 93 -29.71 4.90 11.62
N ILE E 94 -28.96 5.07 12.71
CA ILE E 94 -28.31 6.34 13.03
C ILE E 94 -26.80 6.11 13.02
N ILE E 95 -26.10 6.94 12.28
CA ILE E 95 -24.64 6.88 12.18
C ILE E 95 -24.08 8.07 12.94
N LYS E 96 -23.12 7.81 13.82
CA LYS E 96 -22.41 8.88 14.50
C LYS E 96 -21.24 9.33 13.64
N GLU E 97 -21.14 10.64 13.42
CA GLU E 97 -20.06 11.17 12.61
C GLU E 97 -18.72 10.98 13.30
N ASP E 98 -17.66 10.97 12.48
CA ASP E 98 -16.30 10.92 13.00
C ASP E 98 -16.04 12.11 13.92
N ASN E 99 -15.41 11.84 15.06
CA ASN E 99 -15.07 12.89 16.00
C ASN E 99 -14.12 13.89 15.35
N GLU E 100 -14.43 15.17 15.50
CA GLU E 100 -13.66 16.25 14.89
C GLU E 100 -13.08 17.14 15.96
N TYR E 101 -11.87 17.64 15.72
CA TYR E 101 -11.15 18.48 16.67
C TYR E 101 -10.56 19.68 15.95
N ILE E 102 -10.71 20.85 16.54
CA ILE E 102 -10.08 22.06 16.03
C ILE E 102 -8.68 22.14 16.63
N VAL E 103 -7.68 22.19 15.75
CA VAL E 103 -6.29 21.96 16.12
C VAL E 103 -5.43 23.08 15.55
N ASP E 104 -4.53 23.61 16.38
CA ASP E 104 -3.52 24.54 15.88
C ASP E 104 -2.70 23.87 14.79
N GLU E 105 -2.47 24.60 13.69
CA GLU E 105 -1.65 24.08 12.60
C GLU E 105 -0.26 23.73 13.08
N LYS E 106 0.30 24.55 13.98
CA LYS E 106 1.72 24.49 14.32
C LYS E 106 2.12 23.08 14.79
N ILE E 107 1.32 22.48 15.69
CA ILE E 107 1.63 21.14 16.20
C ILE E 107 1.51 20.10 15.09
N LEU E 108 0.59 20.30 14.16
CA LEU E 108 0.39 19.33 13.08
C LEU E 108 1.64 19.16 12.25
N TYR E 109 2.28 20.29 11.87
CA TYR E 109 3.57 20.20 11.21
C TYR E 109 4.66 19.82 12.21
N ASP E 110 4.66 20.44 13.39
CA ASP E 110 5.71 20.21 14.38
C ASP E 110 5.69 18.80 14.96
N LEU E 111 4.58 18.07 14.83
CA LEU E 111 4.50 16.69 15.30
C LEU E 111 4.42 15.72 14.13
N GLU E 112 5.10 16.06 13.03
CA GLU E 112 5.19 15.25 11.81
C GLU E 112 3.82 14.83 11.27
N HIS F 1 3.24 31.73 14.77
CA HIS F 1 3.71 33.07 15.12
C HIS F 1 2.54 34.04 15.34
N MET F 2 2.43 35.05 14.48
CA MET F 2 1.39 36.04 14.68
C MET F 2 0.05 35.59 14.10
N ILE F 3 0.05 35.01 12.90
CA ILE F 3 -1.13 34.37 12.34
C ILE F 3 -0.96 32.88 12.56
N VAL F 4 -1.56 32.34 13.60
CA VAL F 4 -1.57 30.90 13.81
C VAL F 4 -2.90 30.36 13.28
N MET F 5 -2.86 29.16 12.73
CA MET F 5 -3.98 28.58 12.02
C MET F 5 -4.58 27.46 12.86
N ARG F 6 -5.87 27.55 13.14
CA ARG F 6 -6.61 26.47 13.76
C ARG F 6 -7.39 25.72 12.68
N VAL F 7 -7.28 24.40 12.68
CA VAL F 7 -7.85 23.57 11.63
C VAL F 7 -8.59 22.39 12.24
N LYS F 8 -9.49 21.81 11.44
CA LYS F 8 -10.32 20.70 11.86
C LYS F 8 -9.70 19.38 11.39
N VAL F 9 -9.57 18.44 12.32
CA VAL F 9 -9.04 17.12 12.03
C VAL F 9 -9.98 16.09 12.62
N ASN F 10 -9.83 14.84 12.17
CA ASN F 10 -10.69 13.76 12.61
C ASN F 10 -10.08 13.03 13.82
N GLU F 11 -10.78 11.97 14.25
CA GLU F 11 -10.33 11.21 15.42
C GLU F 11 -8.98 10.53 15.17
N LYS F 12 -8.81 9.95 13.99
CA LYS F 12 -7.57 9.25 13.68
C LYS F 12 -6.37 10.20 13.66
N GLN F 13 -6.55 11.40 13.07
CA GLN F 13 -5.49 12.39 13.09
C GLN F 13 -5.21 12.87 14.51
N PHE F 14 -6.25 13.04 15.31
CA PHE F 14 -6.09 13.40 16.71
C PHE F 14 -5.37 12.30 17.49
N ASP F 15 -5.66 11.03 17.15
CA ASP F 15 -5.03 9.91 17.85
C ASP F 15 -3.53 9.89 17.64
N MET F 16 -3.08 10.16 16.41
CA MET F 16 -1.65 10.22 16.15
C MET F 16 -0.98 11.40 16.86
N ILE F 17 -1.70 12.52 17.02
CA ILE F 17 -1.17 13.65 17.78
C ILE F 17 -0.90 13.23 19.22
N ILE F 18 -1.88 12.55 19.84
CA ILE F 18 -1.72 12.07 21.21
C ILE F 18 -0.60 11.04 21.29
N ASP F 19 -0.57 10.12 20.32
CA ASP F 19 0.41 9.04 20.36
C ASP F 19 1.83 9.55 20.13
N LYS F 20 1.99 10.57 19.28
CA LYS F 20 3.31 11.18 19.12
C LYS F 20 3.79 11.81 20.42
N LEU F 21 2.88 12.47 21.14
CA LEU F 21 3.24 13.07 22.43
C LEU F 21 3.65 12.01 23.43
N LYS F 22 2.93 10.89 23.46
CA LYS F 22 3.29 9.78 24.37
C LYS F 22 4.66 9.21 24.02
N LEU F 23 4.98 9.16 22.73
CA LEU F 23 6.32 8.71 22.31
C LEU F 23 7.40 9.66 22.81
N MET F 24 7.14 10.98 22.73
CA MET F 24 8.14 11.97 23.12
C MET F 24 8.44 11.94 24.61
N VAL F 25 7.53 11.41 25.43
CA VAL F 25 7.71 11.41 26.87
C VAL F 25 7.97 10.00 27.40
N TYR F 26 8.18 9.02 26.52
CA TYR F 26 8.51 7.68 26.96
C TYR F 26 9.95 7.59 27.44
N GLU F 27 10.86 8.30 26.78
CA GLU F 27 12.27 8.26 27.17
C GLU F 27 12.50 8.90 28.53
N TYR F 28 11.77 9.99 28.82
CA TYR F 28 11.96 10.71 30.08
C TYR F 28 11.36 9.97 31.26
N ASN F 29 10.17 9.39 31.09
CA ASN F 29 9.41 8.90 32.24
C ASN F 29 10.01 7.64 32.84
N THR F 30 10.54 6.75 32.00
CA THR F 30 11.25 5.58 32.54
C THR F 30 12.53 5.98 33.24
N LYS F 31 13.19 7.05 32.76
CA LYS F 31 14.43 7.49 33.38
C LYS F 31 14.19 8.17 34.73
N ILE F 32 13.05 8.82 34.91
CA ILE F 32 12.73 9.50 36.18
C ILE F 32 11.72 8.72 37.00
N LYS F 33 11.48 7.44 36.67
CA LYS F 33 10.54 6.61 37.42
C LYS F 33 10.98 6.39 38.86
N GLU F 34 12.29 6.50 39.15
CA GLU F 34 12.78 6.33 40.50
C GLU F 34 12.47 7.52 41.40
N TYR F 35 12.14 8.68 40.81
CA TYR F 35 11.82 9.87 41.59
C TYR F 35 10.35 9.91 42.02
N GLY F 36 9.55 8.94 41.60
CA GLY F 36 8.13 8.94 41.93
C GLY F 36 7.33 9.99 41.19
N VAL F 37 7.82 10.47 40.04
CA VAL F 37 7.17 11.51 39.27
C VAL F 37 6.78 10.94 37.91
N TYR F 38 5.78 11.55 37.29
CA TYR F 38 5.33 11.18 35.96
C TYR F 38 5.00 12.43 35.17
N LEU F 39 5.39 12.45 33.89
CA LEU F 39 5.07 13.57 33.01
C LEU F 39 3.94 13.12 32.09
N LYS F 40 2.85 13.89 32.08
CA LYS F 40 1.78 13.68 31.12
C LYS F 40 1.82 14.82 30.12
N PRO F 41 2.04 14.54 28.83
CA PRO F 41 2.17 15.63 27.85
C PRO F 41 0.87 16.31 27.49
N TYR F 42 -0.26 15.93 28.10
CA TYR F 42 -1.54 16.54 27.78
C TYR F 42 -2.45 16.46 28.99
N HIS F 43 -3.56 17.18 28.93
CA HIS F 43 -4.53 17.18 30.00
C HIS F 43 -5.93 17.32 29.40
N ILE F 44 -6.86 16.49 29.86
CA ILE F 44 -8.21 16.45 29.34
C ILE F 44 -9.16 17.02 30.38
N VAL F 45 -9.87 18.09 30.02
CA VAL F 45 -10.82 18.75 30.90
C VAL F 45 -12.14 18.92 30.15
N TYR F 46 -13.25 18.76 30.85
CA TYR F 46 -14.58 18.95 30.28
C TYR F 46 -15.13 20.29 30.79
N LYS F 47 -14.98 21.33 29.97
CA LYS F 47 -15.50 22.66 30.29
C LYS F 47 -16.45 23.13 29.20
N ASN F 48 -17.46 23.89 29.61
CA ASN F 48 -18.39 24.58 28.70
C ASN F 48 -19.05 23.61 27.73
N SER F 49 -19.43 22.44 28.23
CA SER F 49 -20.00 21.32 27.47
C SER F 49 -19.07 20.81 26.38
N LYS F 50 -17.78 21.17 26.41
CA LYS F 50 -16.82 20.76 25.41
C LYS F 50 -15.73 19.91 26.05
N ARG F 51 -15.20 18.98 25.27
CA ARG F 51 -14.02 18.22 25.68
C ARG F 51 -12.77 19.03 25.32
N TYR F 52 -12.10 19.56 26.34
CA TYR F 52 -10.88 20.34 26.15
C TYR F 52 -9.68 19.42 26.37
N ILE F 53 -8.75 19.45 25.43
CA ILE F 53 -7.52 18.67 25.51
C ILE F 53 -6.37 19.67 25.45
N TYR F 54 -5.78 19.97 26.60
CA TYR F 54 -4.66 20.90 26.68
C TYR F 54 -3.36 20.16 26.44
N ILE F 55 -2.43 20.80 25.74
CA ILE F 55 -1.13 20.21 25.41
C ILE F 55 -0.06 20.99 26.15
N GLY F 56 0.79 20.28 26.89
CA GLY F 56 1.83 20.94 27.66
C GLY F 56 2.56 19.96 28.55
N LYS F 57 3.05 20.47 29.68
CA LYS F 57 3.75 19.66 30.68
C LYS F 57 2.89 19.57 31.92
N TYR F 58 2.44 18.37 32.26
CA TYR F 58 1.57 18.13 33.41
C TYR F 58 2.17 17.04 34.27
N TRP F 59 2.36 17.35 35.56
CA TRP F 59 3.20 16.55 36.46
C TRP F 59 2.35 15.78 37.46
N TYR F 60 2.72 14.52 37.67
CA TYR F 60 2.03 13.63 38.60
C TYR F 60 3.06 13.03 39.55
N LYS F 61 2.63 12.72 40.77
CA LYS F 61 3.53 12.13 41.75
C LYS F 61 2.72 11.36 42.78
N LEU F 62 3.37 10.38 43.41
CA LEU F 62 2.74 9.56 44.44
C LEU F 62 3.66 9.42 45.65
N TYR F 73 -2.03 14.72 40.71
CA TYR F 73 -1.67 15.81 39.79
C TYR F 73 -0.99 16.94 40.55
N LEU F 74 0.19 17.35 40.07
CA LEU F 74 0.97 18.39 40.71
C LEU F 74 0.90 19.73 39.99
N GLY F 75 0.24 19.79 38.85
CA GLY F 75 0.07 21.05 38.13
C GLY F 75 0.99 21.14 36.92
N LYS F 76 1.71 22.26 36.81
CA LYS F 76 2.50 22.55 35.63
C LYS F 76 3.96 22.89 35.92
N THR F 77 4.35 23.08 37.16
CA THR F 77 5.74 23.36 37.51
C THR F 77 6.44 22.09 37.96
N LYS F 78 7.71 21.97 37.59
CA LYS F 78 8.46 20.74 37.78
C LYS F 78 8.73 20.52 39.27
N PRO F 79 8.49 19.31 39.80
CA PRO F 79 8.62 19.09 41.26
C PRO F 79 10.03 19.20 41.82
N ILE F 80 10.96 18.41 41.30
CA ILE F 80 12.27 18.20 41.92
C ILE F 80 13.32 18.97 41.14
N GLN F 81 14.17 19.72 41.86
CA GLN F 81 15.16 20.55 41.20
C GLN F 81 16.29 19.72 40.59
N ASN F 82 16.70 18.65 41.28
CA ASN F 82 17.82 17.82 40.84
C ASN F 82 17.37 16.66 39.96
N MET F 83 16.20 16.75 39.35
CA MET F 83 15.78 15.79 38.34
C MET F 83 16.36 16.19 36.99
N PRO F 84 16.63 15.24 36.10
CA PRO F 84 17.06 15.58 34.73
C PRO F 84 15.99 16.39 34.00
N ASN F 85 16.45 17.25 33.10
CA ASN F 85 15.55 18.19 32.45
C ASN F 85 14.63 17.46 31.46
N PRO F 86 13.33 17.72 31.51
CA PRO F 86 12.39 17.05 30.60
C PRO F 86 12.61 17.47 29.15
N PRO F 87 12.17 16.68 28.19
CA PRO F 87 12.19 17.14 26.79
C PRO F 87 11.18 18.25 26.55
N GLN F 88 11.43 19.03 25.51
CA GLN F 88 10.56 20.14 25.18
C GLN F 88 9.24 19.63 24.64
N ILE F 89 8.14 20.15 25.19
CA ILE F 89 6.79 19.79 24.78
C ILE F 89 6.09 21.07 24.34
N PRO F 90 5.47 21.10 23.15
CA PRO F 90 4.76 22.31 22.72
C PRO F 90 3.56 22.59 23.62
N GLU F 91 2.98 23.77 23.41
CA GLU F 91 1.82 24.22 24.18
C GLU F 91 0.70 24.60 23.21
N SER F 92 -0.44 23.93 23.34
CA SER F 92 -1.58 24.19 22.48
C SER F 92 -2.85 23.69 23.18
N THR F 93 -3.98 24.20 22.71
CA THR F 93 -5.30 23.83 23.23
C THR F 93 -6.11 23.16 22.14
N ILE F 94 -6.69 22.01 22.44
CA ILE F 94 -7.50 21.26 21.50
C ILE F 94 -8.92 21.19 22.05
N ILE F 95 -9.90 21.55 21.23
CA ILE F 95 -11.30 21.53 21.62
C ILE F 95 -12.02 20.52 20.73
N LYS F 96 -12.63 19.51 21.33
CA LYS F 96 -13.42 18.55 20.59
C LYS F 96 -14.74 19.19 20.17
N GLU F 97 -15.10 19.00 18.90
CA GLU F 97 -16.35 19.55 18.41
C GLU F 97 -17.54 18.73 18.90
N ASP F 98 -18.73 19.30 18.75
CA ASP F 98 -19.95 18.60 19.15
C ASP F 98 -20.13 17.34 18.34
N ASN F 99 -20.59 16.28 19.01
CA ASN F 99 -20.88 15.03 18.31
C ASN F 99 -22.01 15.23 17.32
N GLU F 100 -21.86 14.65 16.14
CA GLU F 100 -22.83 14.82 15.05
C GLU F 100 -23.32 13.46 14.59
N TYR F 101 -24.59 13.39 14.24
CA TYR F 101 -25.23 12.13 13.92
C TYR F 101 -26.07 12.26 12.65
N ILE F 102 -25.94 11.29 11.75
CA ILE F 102 -26.80 11.22 10.57
C ILE F 102 -28.07 10.46 10.97
N VAL F 103 -29.22 11.12 10.80
CA VAL F 103 -30.48 10.64 11.35
C VAL F 103 -31.56 10.78 10.28
N ASP F 104 -32.39 9.75 10.13
CA ASP F 104 -33.52 9.82 9.24
C ASP F 104 -34.56 10.81 9.77
N GLU F 105 -35.14 11.60 8.87
CA GLU F 105 -36.10 12.62 9.27
C GLU F 105 -37.39 12.03 9.83
N LYS F 106 -37.72 10.78 9.48
CA LYS F 106 -38.98 10.20 9.93
C LYS F 106 -39.03 10.10 11.45
N ILE F 107 -38.02 9.47 12.06
CA ILE F 107 -38.01 9.24 13.51
C ILE F 107 -37.99 10.53 14.31
N LEU F 108 -37.83 11.68 13.65
CA LEU F 108 -38.11 12.96 14.27
C LEU F 108 -39.60 13.23 14.43
N TYR F 109 -40.49 12.28 14.08
CA TYR F 109 -41.91 12.40 14.37
C TYR F 109 -42.21 12.36 15.86
N ASP F 110 -41.18 12.24 16.69
CA ASP F 110 -41.24 12.17 18.14
C ASP F 110 -41.57 13.51 18.79
N LEU F 111 -41.69 14.58 18.01
CA LEU F 111 -42.01 15.91 18.50
C LEU F 111 -43.25 15.95 19.39
N MET G 2 -4.44 -15.32 -4.56
CA MET G 2 -4.41 -13.86 -4.45
C MET G 2 -3.00 -13.34 -4.69
N ILE G 3 -2.90 -12.05 -5.05
CA ILE G 3 -1.63 -11.39 -5.23
C ILE G 3 -1.44 -10.37 -4.12
N VAL G 4 -0.82 -10.79 -3.04
CA VAL G 4 -0.63 -9.93 -1.88
C VAL G 4 0.67 -9.13 -2.07
N MET G 5 0.60 -7.83 -1.79
CA MET G 5 1.67 -6.89 -2.09
C MET G 5 2.41 -6.52 -0.82
N ARG G 6 3.74 -6.53 -0.89
CA ARG G 6 4.59 -6.11 0.22
C ARG G 6 5.29 -4.81 -0.14
N VAL G 7 5.14 -3.80 0.72
CA VAL G 7 5.61 -2.45 0.44
C VAL G 7 6.47 -1.96 1.59
N LYS G 8 7.28 -0.93 1.29
CA LYS G 8 8.22 -0.37 2.24
C LYS G 8 7.64 0.90 2.86
N VAL G 9 7.62 0.96 4.19
CA VAL G 9 7.13 2.11 4.93
C VAL G 9 8.20 2.57 5.91
N ASN G 10 8.09 3.82 6.33
CA ASN G 10 9.06 4.43 7.22
C ASN G 10 8.66 4.17 8.68
N GLU G 11 9.48 4.66 9.62
CA GLU G 11 9.22 4.43 11.04
C GLU G 11 7.92 5.07 11.49
N LYS G 12 7.66 6.30 11.04
CA LYS G 12 6.44 7.00 11.45
C LYS G 12 5.19 6.24 11.05
N GLN G 13 5.21 5.63 9.86
CA GLN G 13 4.10 4.77 9.45
C GLN G 13 4.06 3.46 10.22
N PHE G 14 5.18 3.03 10.80
CA PHE G 14 5.22 1.74 11.49
C PHE G 14 4.55 1.82 12.86
N ASP G 15 4.97 2.79 13.70
CA ASP G 15 4.38 2.94 15.03
C ASP G 15 2.88 3.16 14.97
N MET G 16 2.40 3.80 13.90
CA MET G 16 0.98 4.03 13.74
C MET G 16 0.21 2.73 13.56
N ILE G 17 0.78 1.78 12.82
CA ILE G 17 0.19 0.45 12.79
C ILE G 17 0.20 -0.15 14.18
N ILE G 18 1.33 -0.01 14.89
CA ILE G 18 1.45 -0.56 16.25
C ILE G 18 0.43 0.07 17.18
N ASP G 19 0.31 1.40 17.16
CA ASP G 19 -0.65 2.08 18.04
C ASP G 19 -2.07 1.61 17.75
N LYS G 20 -2.40 1.48 16.45
CA LYS G 20 -3.74 1.05 16.08
C LYS G 20 -4.04 -0.34 16.65
N LEU G 21 -3.11 -1.28 16.50
CA LEU G 21 -3.30 -2.62 17.05
C LEU G 21 -3.47 -2.59 18.56
N LYS G 22 -2.70 -1.75 19.25
CA LYS G 22 -2.88 -1.58 20.69
C LYS G 22 -4.25 -0.98 21.01
N LEU G 23 -4.79 -0.14 20.12
CA LEU G 23 -6.11 0.45 20.36
C LEU G 23 -7.21 -0.60 20.23
N MET G 24 -7.14 -1.45 19.19
CA MET G 24 -8.17 -2.47 19.00
C MET G 24 -8.21 -3.48 20.12
N VAL G 25 -7.13 -3.62 20.88
CA VAL G 25 -7.08 -4.52 22.03
C VAL G 25 -7.15 -3.80 23.36
N TYR G 26 -7.12 -2.46 23.37
CA TYR G 26 -7.04 -1.73 24.64
C TYR G 26 -8.21 -2.05 25.55
N GLU G 27 -9.43 -1.87 25.04
CA GLU G 27 -10.61 -2.15 25.86
C GLU G 27 -10.73 -3.63 26.16
N TYR G 28 -10.42 -4.50 25.18
CA TYR G 28 -10.48 -5.94 25.41
C TYR G 28 -9.54 -6.37 26.52
N ASN G 29 -8.43 -5.66 26.69
CA ASN G 29 -7.55 -5.94 27.81
C ASN G 29 -8.23 -5.58 29.14
N THR G 30 -8.86 -4.41 29.21
CA THR G 30 -9.49 -3.98 30.47
C THR G 30 -10.63 -4.90 30.88
N LYS G 31 -11.36 -5.48 29.92
CA LYS G 31 -12.42 -6.43 30.27
C LYS G 31 -11.85 -7.69 30.92
N ILE G 32 -10.73 -8.21 30.41
CA ILE G 32 -10.23 -9.51 30.83
C ILE G 32 -9.11 -9.38 31.86
N LYS G 33 -8.90 -8.18 32.44
CA LYS G 33 -7.90 -8.04 33.50
C LYS G 33 -8.24 -8.89 34.72
N GLU G 34 -9.53 -9.10 34.97
CA GLU G 34 -9.95 -9.90 36.12
C GLU G 34 -9.58 -11.36 35.94
N TYR G 35 -9.46 -11.83 34.70
CA TYR G 35 -9.10 -13.22 34.44
C TYR G 35 -7.60 -13.47 34.50
N GLY G 36 -6.79 -12.44 34.69
CA GLY G 36 -5.36 -12.61 34.67
C GLY G 36 -4.79 -12.89 33.31
N VAL G 37 -5.49 -12.49 32.25
CA VAL G 37 -5.10 -12.77 30.87
C VAL G 37 -4.92 -11.45 30.14
N TYR G 38 -3.90 -11.39 29.28
CA TYR G 38 -3.59 -10.21 28.49
C TYR G 38 -3.44 -10.60 27.03
N LEU G 39 -4.02 -9.80 26.13
CA LEU G 39 -3.93 -10.05 24.70
C LEU G 39 -3.03 -9.00 24.06
N LYS G 40 -1.87 -9.45 23.57
CA LYS G 40 -0.96 -8.58 22.84
C LYS G 40 -1.14 -8.76 21.35
N PRO G 41 -1.41 -7.69 20.59
CA PRO G 41 -1.70 -7.84 19.16
C PRO G 41 -0.48 -8.00 18.28
N TYR G 42 0.72 -8.12 18.85
CA TYR G 42 1.91 -8.30 18.04
C TYR G 42 2.99 -8.98 18.88
N HIS G 43 3.99 -9.52 18.17
CA HIS G 43 5.10 -10.25 18.80
C HIS G 43 6.38 -9.92 18.06
N ILE G 44 7.44 -9.60 18.80
CA ILE G 44 8.73 -9.20 18.23
C ILE G 44 9.75 -10.30 18.53
N VAL G 45 10.40 -10.81 17.47
CA VAL G 45 11.49 -11.76 17.61
C VAL G 45 12.66 -11.28 16.77
N TYR G 46 13.85 -11.77 17.12
CA TYR G 46 15.10 -11.42 16.45
C TYR G 46 15.72 -12.69 15.88
N LYS G 47 15.60 -12.88 14.57
CA LYS G 47 16.19 -14.03 13.90
C LYS G 47 16.62 -13.63 12.51
N ASN G 48 17.49 -14.45 11.91
CA ASN G 48 18.01 -14.27 10.55
C ASN G 48 18.66 -12.90 10.34
N SER G 49 19.20 -12.33 11.43
CA SER G 49 19.84 -11.01 11.43
C SER G 49 18.87 -9.90 11.05
N LYS G 50 17.60 -10.03 11.42
CA LYS G 50 16.61 -9.00 11.14
C LYS G 50 15.56 -9.00 12.24
N ARG G 51 14.86 -7.86 12.36
CA ARG G 51 13.83 -7.69 13.37
C ARG G 51 12.48 -8.09 12.79
N TYR G 52 11.80 -9.02 13.46
CA TYR G 52 10.50 -9.51 13.04
C TYR G 52 9.41 -8.96 13.95
N ILE G 53 8.31 -8.51 13.35
CA ILE G 53 7.15 -8.01 14.10
C ILE G 53 5.93 -8.75 13.55
N TYR G 54 5.56 -9.85 14.20
CA TYR G 54 4.41 -10.63 13.80
C TYR G 54 3.14 -9.99 14.32
N ILE G 55 2.11 -9.88 13.48
CA ILE G 55 0.80 -9.42 13.90
C ILE G 55 -0.08 -10.65 14.14
N GLY G 56 -0.75 -10.67 15.29
CA GLY G 56 -1.62 -11.78 15.59
C GLY G 56 -2.01 -11.76 17.06
N LYS G 57 -2.80 -12.78 17.43
CA LYS G 57 -3.27 -12.91 18.81
C LYS G 57 -2.20 -13.61 19.63
N TYR G 58 -1.61 -12.88 20.57
CA TYR G 58 -0.59 -13.41 21.46
C TYR G 58 -1.03 -13.16 22.89
N TRP G 59 -1.09 -14.23 23.68
CA TRP G 59 -1.71 -14.20 25.00
C TRP G 59 -0.67 -14.26 26.10
N TYR G 60 -0.96 -13.56 27.19
CA TYR G 60 -0.12 -13.54 28.39
C TYR G 60 -0.99 -13.79 29.61
N LYS G 61 -0.44 -14.53 30.58
CA LYS G 61 -1.15 -14.84 31.81
C LYS G 61 -0.33 -14.38 33.01
N LEU G 62 -1.01 -13.77 33.98
CA LEU G 62 -0.38 -13.39 35.24
C LEU G 62 -0.28 -14.60 36.13
N GLU G 63 0.93 -15.12 36.32
CA GLU G 63 1.19 -16.23 37.21
C GLU G 63 2.07 -15.77 38.37
N LYS G 64 2.02 -16.51 39.47
CA LYS G 64 2.72 -16.14 40.69
C LYS G 64 4.07 -16.84 40.73
N ILE G 65 5.15 -16.06 40.63
CA ILE G 65 6.51 -16.58 40.72
C ILE G 65 7.24 -15.77 41.78
N GLY G 66 7.76 -16.46 42.80
CA GLY G 66 8.42 -15.80 43.89
C GLY G 66 7.45 -15.05 44.79
N LYS G 70 6.49 -12.60 35.41
CA LYS G 70 5.15 -12.65 35.98
C LYS G 70 4.09 -12.63 34.88
N TRP G 71 4.41 -11.95 33.78
CA TRP G 71 3.58 -11.97 32.57
C TRP G 71 4.27 -12.90 31.59
N ILE G 72 3.83 -14.15 31.55
CA ILE G 72 4.51 -15.21 30.81
C ILE G 72 3.75 -15.53 29.54
N TYR G 73 4.50 -15.59 28.44
CA TYR G 73 3.99 -15.86 27.11
C TYR G 73 3.24 -17.19 27.04
N LEU G 74 1.92 -17.12 26.85
CA LEU G 74 1.11 -18.33 26.70
C LEU G 74 0.90 -18.73 25.25
N GLY G 75 1.52 -18.02 24.32
CA GLY G 75 1.49 -18.44 22.92
C GLY G 75 0.34 -17.81 22.16
N LYS G 76 -0.35 -18.64 21.37
CA LYS G 76 -1.42 -18.17 20.50
C LYS G 76 -2.75 -18.86 20.77
N THR G 77 -2.92 -19.44 21.96
CA THR G 77 -4.17 -20.11 22.32
C THR G 77 -4.87 -19.29 23.39
N LYS G 78 -6.16 -19.02 23.18
CA LYS G 78 -7.01 -18.41 24.19
C LYS G 78 -7.08 -19.35 25.38
N PRO G 79 -6.45 -18.98 26.51
CA PRO G 79 -6.28 -19.96 27.60
C PRO G 79 -7.58 -20.37 28.26
N ILE G 80 -8.54 -19.45 28.39
CA ILE G 80 -9.78 -19.70 29.12
C ILE G 80 -10.94 -19.51 28.15
N GLN G 81 -11.82 -20.51 28.08
CA GLN G 81 -12.91 -20.50 27.10
C GLN G 81 -14.04 -19.56 27.50
N ASN G 82 -14.36 -19.48 28.79
CA ASN G 82 -15.48 -18.66 29.26
C ASN G 82 -15.14 -17.18 29.32
N MET G 83 -13.98 -16.78 28.80
CA MET G 83 -13.68 -15.37 28.62
C MET G 83 -14.52 -14.80 27.48
N PRO G 84 -14.77 -13.49 27.49
CA PRO G 84 -15.34 -12.85 26.31
C PRO G 84 -14.42 -13.01 25.11
N ASN G 85 -15.01 -13.21 23.94
CA ASN G 85 -14.23 -13.52 22.75
C ASN G 85 -13.42 -12.30 22.32
N PRO G 86 -12.18 -12.50 21.87
CA PRO G 86 -11.32 -11.35 21.53
C PRO G 86 -11.78 -10.69 20.24
N PRO G 87 -11.41 -9.42 20.04
CA PRO G 87 -11.75 -8.75 18.77
C PRO G 87 -10.97 -9.34 17.61
N GLN G 88 -11.43 -9.03 16.41
CA GLN G 88 -10.77 -9.51 15.20
C GLN G 88 -9.41 -8.84 15.06
N ILE G 89 -8.37 -9.65 15.01
CA ILE G 89 -6.98 -9.18 14.90
C ILE G 89 -6.40 -9.76 13.63
N PRO G 90 -5.85 -8.95 12.72
CA PRO G 90 -5.26 -9.50 11.50
C PRO G 90 -3.97 -10.24 11.79
N GLU G 91 -3.60 -11.12 10.87
CA GLU G 91 -2.38 -11.91 10.99
C GLU G 91 -1.46 -11.56 9.82
N SER G 92 -0.26 -11.09 10.13
CA SER G 92 0.71 -10.71 9.11
C SER G 92 2.08 -10.60 9.76
N THR G 93 3.12 -10.62 8.93
CA THR G 93 4.51 -10.58 9.38
C THR G 93 5.16 -9.29 8.88
N ILE G 94 5.77 -8.54 9.81
CA ILE G 94 6.54 -7.35 9.47
C ILE G 94 7.99 -7.61 9.81
N ILE G 95 8.87 -7.39 8.84
CA ILE G 95 10.31 -7.55 9.00
C ILE G 95 10.94 -6.18 8.80
N LYS G 96 11.78 -5.77 9.74
CA LYS G 96 12.45 -4.48 9.67
C LYS G 96 13.59 -4.53 8.66
N GLU G 97 13.68 -3.50 7.81
CA GLU G 97 14.80 -3.39 6.91
C GLU G 97 16.09 -3.13 7.69
N ASP G 98 17.22 -3.49 7.08
CA ASP G 98 18.51 -3.27 7.71
C ASP G 98 18.77 -1.77 7.87
N ASN G 99 19.48 -1.43 8.95
CA ASN G 99 19.83 -0.04 9.21
C ASN G 99 20.77 0.47 8.13
N GLU G 100 20.54 1.72 7.72
CA GLU G 100 21.36 2.36 6.69
C GLU G 100 21.80 3.72 7.18
N TYR G 101 23.01 4.12 6.77
CA TYR G 101 23.64 5.33 7.24
C TYR G 101 24.12 6.17 6.05
N ILE G 102 24.25 7.47 6.30
CA ILE G 102 24.55 8.47 5.27
C ILE G 102 25.88 9.11 5.62
N VAL G 103 26.90 8.92 4.77
CA VAL G 103 28.25 9.38 5.06
C VAL G 103 28.82 10.11 3.84
N ASP G 104 30.00 10.69 4.03
CA ASP G 104 30.75 11.38 2.99
C ASP G 104 31.92 10.54 2.53
N GLU G 105 32.63 11.04 1.51
CA GLU G 105 33.75 10.32 0.91
C GLU G 105 34.90 10.26 1.91
N LYS G 106 35.06 9.12 2.54
CA LYS G 106 36.08 8.94 3.57
C LYS G 106 37.21 8.07 3.00
N ILE G 107 38.21 8.73 2.44
CA ILE G 107 39.37 8.04 1.87
C ILE G 107 40.35 7.89 3.03
N LEU G 108 40.13 6.85 3.84
CA LEU G 108 40.89 6.59 5.06
C LEU G 108 41.04 7.83 5.94
N MET H 5 29.38 12.37 -3.27
CA MET H 5 29.57 13.10 -2.02
C MET H 5 28.87 12.40 -0.86
N ARG H 6 27.64 11.92 -1.08
CA ARG H 6 26.89 11.24 -0.03
C ARG H 6 26.59 9.81 -0.46
N VAL H 7 27.06 8.84 0.33
CA VAL H 7 26.84 7.43 0.05
C VAL H 7 26.12 6.78 1.23
N LYS H 8 25.58 5.59 0.99
CA LYS H 8 24.79 4.86 1.99
C LYS H 8 25.50 3.56 2.36
N VAL H 9 25.66 3.34 3.67
CA VAL H 9 26.29 2.14 4.20
C VAL H 9 25.38 1.52 5.26
N ASN H 10 25.63 0.26 5.58
CA ASN H 10 24.86 -0.43 6.60
C ASN H 10 25.55 -0.32 7.96
N GLU H 11 24.99 -1.01 8.96
CA GLU H 11 25.46 -0.88 10.34
C GLU H 11 26.89 -1.36 10.51
N LYS H 12 27.23 -2.50 9.88
CA LYS H 12 28.57 -3.05 10.04
C LYS H 12 29.63 -2.13 9.44
N GLN H 13 29.37 -1.58 8.26
CA GLN H 13 30.27 -0.60 7.68
C GLN H 13 30.32 0.66 8.54
N PHE H 14 29.17 1.08 9.07
CA PHE H 14 29.14 2.25 9.96
C PHE H 14 29.94 1.98 11.23
N ASP H 15 29.77 0.80 11.82
CA ASP H 15 30.55 0.44 13.01
C ASP H 15 32.04 0.40 12.69
N MET H 16 32.40 -0.05 11.49
CA MET H 16 33.78 0.00 11.03
C MET H 16 34.29 1.43 10.96
N ILE H 17 33.46 2.34 10.43
CA ILE H 17 33.87 3.73 10.26
C ILE H 17 34.12 4.39 11.62
N ILE H 18 33.29 4.06 12.62
CA ILE H 18 33.52 4.58 13.97
C ILE H 18 34.86 4.11 14.50
N ASP H 19 35.18 2.82 14.30
CA ASP H 19 36.45 2.29 14.76
C ASP H 19 37.63 2.85 13.98
N LYS H 20 37.46 3.11 12.68
CA LYS H 20 38.55 3.66 11.90
C LYS H 20 38.90 5.08 12.34
N LEU H 21 37.90 5.86 12.78
CA LEU H 21 38.19 7.17 13.36
C LEU H 21 38.90 7.03 14.71
N LYS H 22 38.53 6.00 15.48
CA LYS H 22 39.23 5.70 16.72
C LYS H 22 40.69 5.37 16.45
N LEU H 23 40.97 4.66 15.35
CA LEU H 23 42.34 4.37 14.97
C LEU H 23 43.10 5.63 14.61
N MET H 24 42.45 6.55 13.89
CA MET H 24 43.11 7.79 13.48
C MET H 24 43.52 8.63 14.67
N VAL H 25 42.76 8.58 15.76
CA VAL H 25 43.08 9.34 16.96
C VAL H 25 43.73 8.49 18.04
N TYR H 26 44.16 7.27 17.70
CA TYR H 26 44.74 6.40 18.72
C TYR H 26 46.13 6.86 19.11
N GLU H 27 47.07 6.86 18.16
CA GLU H 27 48.46 7.14 18.50
C GLU H 27 48.65 8.61 18.89
N TYR H 28 47.80 9.51 18.39
CA TYR H 28 47.90 10.91 18.79
C TYR H 28 47.54 11.10 20.25
N ASN H 29 46.50 10.43 20.72
CA ASN H 29 46.09 10.59 22.11
C ASN H 29 47.15 10.09 23.09
N THR H 30 47.96 9.11 22.67
CA THR H 30 49.09 8.68 23.49
C THR H 30 50.17 9.76 23.54
N LYS H 31 50.46 10.40 22.40
CA LYS H 31 51.38 11.53 22.43
C LYS H 31 50.85 12.67 23.27
N ILE H 32 49.54 12.93 23.17
CA ILE H 32 48.97 14.04 23.90
C ILE H 32 48.27 13.56 25.17
N LYS H 33 48.77 12.46 25.74
CA LYS H 33 48.34 12.05 27.08
C LYS H 33 49.06 12.79 28.21
N GLU H 34 50.27 13.33 27.98
CA GLU H 34 51.04 13.96 29.07
C GLU H 34 50.44 15.32 29.46
N TYR H 35 49.99 16.12 28.48
CA TYR H 35 49.33 17.40 28.71
C TYR H 35 47.95 17.23 29.33
N GLY H 36 47.40 16.02 29.36
CA GLY H 36 46.06 15.81 29.87
C GLY H 36 44.95 16.12 28.89
N VAL H 37 45.21 15.96 27.60
CA VAL H 37 44.25 16.31 26.55
C VAL H 37 43.88 15.05 25.79
N TYR H 38 42.60 14.94 25.42
CA TYR H 38 42.12 13.88 24.54
C TYR H 38 41.42 14.52 23.35
N LEU H 39 41.74 14.06 22.15
CA LEU H 39 41.05 14.47 20.94
C LEU H 39 40.10 13.36 20.54
N LYS H 40 38.80 13.65 20.61
CA LYS H 40 37.76 12.72 20.19
C LYS H 40 37.35 13.02 18.77
N PRO H 41 37.38 12.03 17.87
CA PRO H 41 37.10 12.30 16.46
C PRO H 41 35.63 12.49 16.12
N TYR H 42 34.72 12.32 17.08
CA TYR H 42 33.30 12.38 16.76
C TYR H 42 32.51 12.84 17.97
N HIS H 43 31.29 13.29 17.69
CA HIS H 43 30.34 13.66 18.73
C HIS H 43 28.97 13.15 18.31
N ILE H 44 28.30 12.45 19.23
CA ILE H 44 27.01 11.81 18.96
C ILE H 44 25.87 12.60 19.63
N VAL H 45 24.79 12.85 18.86
CA VAL H 45 23.63 13.57 19.38
C VAL H 45 22.52 13.41 18.37
N TYR H 46 21.28 13.28 18.88
CA TYR H 46 20.02 13.24 18.08
C TYR H 46 20.03 12.35 16.83
N ARG H 51 19.33 9.64 14.53
CA ARG H 51 20.70 9.53 15.04
C ARG H 51 21.68 10.30 14.17
N TYR H 52 22.32 11.31 14.74
CA TYR H 52 23.32 12.10 14.03
C TYR H 52 24.68 11.85 14.66
N ILE H 53 25.67 11.53 13.83
CA ILE H 53 27.04 11.34 14.26
C ILE H 53 27.89 12.42 13.60
N TYR H 54 28.45 13.30 14.42
CA TYR H 54 29.15 14.48 13.93
C TYR H 54 30.65 14.24 13.98
N ILE H 55 31.30 14.33 12.84
CA ILE H 55 32.72 14.00 12.68
C ILE H 55 33.53 15.28 12.71
N GLY H 56 34.50 15.35 13.61
CA GLY H 56 35.32 16.53 13.72
C GLY H 56 36.23 16.44 14.93
N LYS H 57 36.93 17.54 15.18
CA LYS H 57 37.85 17.62 16.31
C LYS H 57 37.10 18.10 17.55
N TYR H 58 37.06 17.25 18.57
CA TYR H 58 36.42 17.57 19.84
C TYR H 58 37.44 17.30 20.94
N TRP H 59 38.09 18.35 21.42
CA TRP H 59 39.21 18.25 22.34
C TRP H 59 38.70 18.26 23.78
N TYR H 60 39.25 17.37 24.60
CA TYR H 60 38.82 17.21 25.98
C TYR H 60 40.03 17.27 26.91
N LYS H 61 39.80 17.77 28.13
CA LYS H 61 40.81 17.76 29.18
C LYS H 61 40.35 16.91 30.35
N LEU H 62 41.32 16.46 31.14
CA LEU H 62 41.06 15.70 32.35
C LEU H 62 41.37 16.58 33.55
N GLU H 63 40.36 16.80 34.39
CA GLU H 63 40.49 17.62 35.59
C GLU H 63 39.88 16.88 36.77
N LYS H 64 40.60 16.91 37.90
CA LYS H 64 40.14 16.25 39.11
C LYS H 64 38.84 16.83 39.65
N TRP H 71 36.49 14.50 32.19
CA TRP H 71 36.63 14.65 30.75
C TRP H 71 35.81 15.83 30.24
N ILE H 72 36.37 17.03 30.34
CA ILE H 72 35.65 18.28 30.07
C ILE H 72 35.96 18.74 28.65
N TYR H 73 34.90 19.08 27.92
CA TYR H 73 35.00 19.58 26.55
C TYR H 73 35.77 20.91 26.52
N LEU H 74 36.76 21.02 25.62
CA LEU H 74 37.73 22.11 25.63
C LEU H 74 37.56 23.10 24.49
N GLY H 75 37.54 22.59 23.27
CA GLY H 75 37.46 23.47 22.12
C GLY H 75 37.27 22.61 20.90
N LYS H 76 37.18 23.26 19.75
CA LYS H 76 37.27 22.57 18.48
C LYS H 76 38.66 22.77 17.87
N THR H 77 39.54 23.42 18.62
CA THR H 77 40.88 23.78 18.17
C THR H 77 41.88 23.28 19.21
N LYS H 78 43.12 23.05 18.74
CA LYS H 78 44.26 22.67 19.57
C LYS H 78 44.43 23.70 20.67
N PRO H 79 44.20 23.32 21.94
CA PRO H 79 44.20 24.32 23.02
C PRO H 79 45.55 25.00 23.26
N ILE H 80 46.66 24.29 23.06
CA ILE H 80 47.97 24.75 23.51
C ILE H 80 48.78 25.18 22.28
N GLN H 81 49.63 26.21 22.47
CA GLN H 81 50.46 26.73 21.38
C GLN H 81 51.34 25.65 20.77
N ASN H 82 52.06 24.90 21.60
CA ASN H 82 53.13 24.03 21.12
C ASN H 82 52.79 22.54 21.23
N MET H 83 51.51 22.19 21.31
CA MET H 83 51.13 20.79 21.26
C MET H 83 51.31 20.24 19.85
N PRO H 84 51.60 18.94 19.71
CA PRO H 84 51.80 18.38 18.36
C PRO H 84 50.54 18.46 17.51
N ASN H 85 50.74 18.62 16.21
CA ASN H 85 49.61 18.76 15.30
C ASN H 85 48.86 17.44 15.17
N PRO H 86 47.53 17.47 15.20
CA PRO H 86 46.75 16.23 15.11
C PRO H 86 46.70 15.70 13.69
N PRO H 87 46.38 14.42 13.50
CA PRO H 87 46.03 13.95 12.16
C PRO H 87 44.77 14.65 11.67
N GLN H 88 44.68 14.83 10.36
CA GLN H 88 43.57 15.58 9.79
C GLN H 88 42.27 14.81 9.97
N ILE H 89 41.28 15.48 10.55
CA ILE H 89 39.94 14.95 10.75
C ILE H 89 38.98 15.84 9.96
N PRO H 90 38.25 15.32 8.99
CA PRO H 90 37.32 16.16 8.23
C PRO H 90 36.09 16.53 9.06
N GLU H 91 35.45 17.61 8.64
CA GLU H 91 34.17 18.03 9.21
C GLU H 91 33.06 17.45 8.35
N SER H 92 32.30 16.50 8.91
CA SER H 92 31.26 15.82 8.15
C SER H 92 30.22 15.29 9.13
N THR H 93 29.07 14.93 8.60
CA THR H 93 27.96 14.41 9.39
C THR H 93 27.57 13.02 8.89
N ILE H 94 27.06 12.21 9.82
CA ILE H 94 26.57 10.87 9.51
C ILE H 94 25.12 10.79 9.95
N ILE H 95 24.25 10.39 9.04
CA ILE H 95 22.81 10.34 9.28
C ILE H 95 22.34 8.90 9.18
N LYS H 96 21.77 8.38 10.26
CA LYS H 96 21.06 7.11 10.20
C LYS H 96 19.70 7.35 9.55
N GLU H 97 19.44 6.67 8.45
CA GLU H 97 18.19 6.86 7.74
C GLU H 97 17.02 6.32 8.58
N ASP H 98 15.82 6.80 8.25
CA ASP H 98 14.62 6.34 8.93
C ASP H 98 14.48 4.83 8.80
N ASN H 99 14.14 4.17 9.90
CA ASN H 99 13.96 2.74 9.89
C ASN H 99 12.80 2.35 8.98
N GLU H 100 13.08 1.51 8.00
CA GLU H 100 12.09 1.10 7.02
C GLU H 100 11.65 -0.33 7.28
N TYR H 101 10.41 -0.62 6.89
CA TYR H 101 9.80 -1.92 7.13
C TYR H 101 9.02 -2.34 5.90
N ILE H 102 9.15 -3.61 5.53
CA ILE H 102 8.31 -4.20 4.49
C ILE H 102 7.07 -4.77 5.18
N VAL H 103 5.90 -4.37 4.72
CA VAL H 103 4.66 -4.79 5.35
C VAL H 103 3.61 -4.97 4.26
N ASP H 104 2.79 -6.01 4.40
CA ASP H 104 1.66 -6.20 3.50
C ASP H 104 0.75 -4.97 3.53
N GLU H 105 0.37 -4.51 2.34
CA GLU H 105 -0.48 -3.33 2.22
C GLU H 105 -1.90 -3.59 2.69
N LYS H 106 -2.31 -4.85 2.80
CA LYS H 106 -3.63 -5.15 3.34
C LYS H 106 -3.73 -4.65 4.78
N ILE H 107 -2.66 -4.81 5.56
CA ILE H 107 -2.62 -4.22 6.90
C ILE H 107 -2.71 -2.70 6.81
N LEU H 108 -1.99 -2.10 5.86
CA LEU H 108 -1.99 -0.65 5.73
C LEU H 108 -3.36 -0.11 5.37
N TYR H 109 -4.15 -0.86 4.59
CA TYR H 109 -5.50 -0.41 4.26
C TYR H 109 -6.44 -0.49 5.44
N ASP H 110 -6.16 -1.36 6.42
CA ASP H 110 -7.05 -1.52 7.57
C ASP H 110 -7.04 -0.34 8.52
N LEU H 111 -6.07 0.57 8.41
CA LEU H 111 -6.05 1.74 9.28
C LEU H 111 -7.17 2.73 8.92
N GLU H 112 -7.52 2.83 7.65
CA GLU H 112 -8.49 3.83 7.17
C GLU H 112 -9.86 3.68 7.79
#